data_3IXS
#
_entry.id   3IXS
#
_cell.length_a   37.894
_cell.length_b   56.549
_cell.length_c   100.352
_cell.angle_alpha   100.88
_cell.angle_beta   90.61
_cell.angle_gamma   100.49
#
_symmetry.space_group_name_H-M   'P 1'
#
loop_
_entity.id
_entity.type
_entity.pdbx_description
1 polymer 'E3 ubiquitin-protein ligase RING2'
2 polymer 'RING1 and YY1-binding protein'
3 non-polymer 1,2-ETHANEDIOL
4 non-polymer '2-[N-CYCLOHEXYLAMINO]ETHANE SULFONIC ACID'
5 water water
#
loop_
_entity_poly.entity_id
_entity_poly.type
_entity_poly.pdbx_seq_one_letter_code
_entity_poly.pdbx_strand_id
1 'polypeptide(L)'
;ASEIELVFRPHPTLMEKDDSAQTRYIKTSGNATVDHLSKYLAVRLALEELRSKGESNQMNLDTASEKQYTIYIATASGQF
TVLDGSFSLELVSEKYWKVNKPMELYYAPTK
;
A,C,E,G,I,K
2 'polypeptide(L)' GTRPRLKNVDRSTAQQLAVTVGNVTVIITDFKEKTRS B,D,F,H,J,L
#
# COMPACT_ATOMS: atom_id res chain seq x y z
N ALA A 1 5.63 18.08 -22.17
CA ALA A 1 7.00 18.50 -22.48
C ALA A 1 8.03 17.98 -21.48
N SER A 2 7.65 16.99 -20.66
CA SER A 2 8.63 16.22 -19.86
C SER A 2 7.99 15.12 -18.98
N GLU A 3 8.82 14.42 -18.20
CA GLU A 3 8.48 13.08 -17.71
C GLU A 3 8.42 12.91 -16.19
N ILE A 4 9.52 12.47 -15.56
CA ILE A 4 9.48 12.27 -14.10
C ILE A 4 9.56 13.62 -13.41
N GLU A 5 8.72 13.81 -12.40
CA GLU A 5 8.78 15.03 -11.63
C GLU A 5 9.35 14.75 -10.26
N LEU A 6 10.09 15.70 -9.73
CA LEU A 6 10.68 15.47 -8.42
C LEU A 6 10.90 16.75 -7.63
N VAL A 7 11.07 16.58 -6.33
CA VAL A 7 11.37 17.70 -5.45
C VAL A 7 12.74 17.46 -4.86
N PHE A 8 13.61 18.44 -5.02
CA PHE A 8 14.96 18.41 -4.47
C PHE A 8 15.00 19.21 -3.19
N ARG A 9 15.36 18.56 -2.09
CA ARG A 9 15.44 19.24 -0.82
C ARG A 9 16.87 19.18 -0.32
N PRO A 10 17.26 20.20 0.46
CA PRO A 10 18.58 20.22 1.09
C PRO A 10 18.63 19.06 2.07
N HIS A 11 19.77 18.39 2.16
CA HIS A 11 19.93 17.32 3.12
C HIS A 11 19.64 17.85 4.53
N PRO A 12 18.93 17.08 5.37
CA PRO A 12 18.41 17.58 6.64
C PRO A 12 19.48 17.90 7.69
N THR A 13 20.68 17.38 7.53
CA THR A 13 21.72 17.60 8.55
C THR A 13 23.06 18.11 8.01
N LEU A 14 23.32 17.92 6.71
CA LEU A 14 24.62 18.27 6.17
C LEU A 14 24.78 19.74 5.81
N MET A 15 23.67 20.48 5.72
CA MET A 15 23.74 21.85 5.24
C MET A 15 24.35 22.81 6.27
N GLU A 16 25.13 23.78 5.79
CA GLU A 16 25.70 24.80 6.66
C GLU A 16 25.13 26.18 6.38
N LYS A 17 25.40 27.13 7.28
CA LYS A 17 24.74 28.44 7.27
C LYS A 17 24.76 29.18 5.94
N ASP A 18 25.93 29.25 5.30
CA ASP A 18 26.07 30.04 4.08
C ASP A 18 25.84 29.21 2.83
N ASP A 19 25.38 27.97 3.00
CA ASP A 19 25.03 27.13 1.87
C ASP A 19 23.73 27.61 1.25
N SER A 20 23.69 27.64 -0.08
CA SER A 20 22.42 27.78 -0.78
C SER A 20 21.61 26.52 -0.49
N ALA A 21 20.39 26.68 0.00
CA ALA A 21 19.58 25.54 0.43
C ALA A 21 18.18 25.62 -0.12
N GLN A 22 18.07 25.89 -1.40
CA GLN A 22 16.76 26.02 -2.02
C GLN A 22 16.12 24.66 -2.19
N THR A 23 14.81 24.60 -1.99
CA THR A 23 14.04 23.45 -2.41
C THR A 23 13.72 23.70 -3.87
N ARG A 24 13.97 22.71 -4.71
CA ARG A 24 13.72 22.89 -6.13
C ARG A 24 12.70 21.89 -6.66
N TYR A 25 11.93 22.32 -7.64
CA TYR A 25 10.87 21.50 -8.19
C TYR A 25 11.13 21.34 -9.67
N ILE A 26 11.32 20.10 -10.12
CA ILE A 26 11.76 19.89 -11.49
C ILE A 26 11.02 18.76 -12.19
N LYS A 27 11.13 18.74 -13.52
CA LYS A 27 10.73 17.57 -14.31
C LYS A 27 11.77 17.33 -15.40
N THR A 28 12.00 16.07 -15.74
CA THR A 28 12.95 15.76 -16.81
C THR A 28 12.68 14.33 -17.29
N SER A 29 13.46 13.89 -18.26
CA SER A 29 13.25 12.56 -18.82
C SER A 29 13.78 11.50 -17.87
N GLY A 30 13.21 10.30 -17.92
CA GLY A 30 13.61 9.24 -17.02
C GLY A 30 15.04 8.79 -17.28
N ASN A 31 15.57 9.15 -18.44
CA ASN A 31 16.92 8.73 -18.81
C ASN A 31 18.00 9.67 -18.27
N ALA A 32 17.58 10.80 -17.70
CA ALA A 32 18.54 11.67 -17.02
C ALA A 32 19.17 10.88 -15.90
N THR A 33 20.44 11.10 -15.67
CA THR A 33 21.09 10.39 -14.58
C THR A 33 21.22 11.28 -13.37
N VAL A 34 21.61 10.68 -12.27
CA VAL A 34 21.91 11.42 -11.06
C VAL A 34 22.97 12.51 -11.28
N ASP A 35 23.95 12.23 -12.12
CA ASP A 35 24.96 13.22 -12.46
C ASP A 35 24.37 14.42 -13.18
N HIS A 36 23.39 14.19 -14.06
CA HIS A 36 22.70 15.33 -14.67
C HIS A 36 21.97 16.15 -13.61
N LEU A 37 21.37 15.49 -12.62
CA LEU A 37 20.67 16.24 -11.56
C LEU A 37 21.66 17.03 -10.70
N SER A 38 22.80 16.43 -10.39
CA SER A 38 23.85 17.13 -9.65
CA SER A 38 23.85 17.13 -9.65
C SER A 38 24.34 18.35 -10.41
N LYS A 39 24.59 18.18 -11.70
CA LYS A 39 25.06 19.27 -12.52
C LYS A 39 24.00 20.37 -12.61
N TYR A 40 22.74 19.96 -12.73
CA TYR A 40 21.63 20.93 -12.71
C TYR A 40 21.66 21.79 -11.43
N LEU A 41 21.82 21.16 -10.27
CA LEU A 41 21.86 21.93 -9.01
C LEU A 41 22.98 22.97 -9.03
N ALA A 42 24.12 22.60 -9.60
CA ALA A 42 25.27 23.49 -9.68
C ALA A 42 25.00 24.64 -10.67
N VAL A 43 24.41 24.32 -11.80
CA VAL A 43 24.17 25.35 -12.81
C VAL A 43 23.09 26.31 -12.34
N ARG A 44 22.03 25.80 -11.74
CA ARG A 44 20.99 26.69 -11.25
C ARG A 44 21.54 27.63 -10.16
N LEU A 45 22.36 27.11 -9.25
CA LEU A 45 22.98 27.95 -8.24
C LEU A 45 23.86 28.99 -8.91
N ALA A 46 24.64 28.57 -9.88
CA ALA A 46 25.54 29.49 -10.56
C ALA A 46 24.77 30.64 -11.17
N LEU A 47 23.61 30.33 -11.74
CA LEU A 47 22.80 31.37 -12.35
C LEU A 47 22.28 32.35 -11.30
N GLU A 48 21.85 31.81 -10.17
CA GLU A 48 21.36 32.65 -9.09
C GLU A 48 22.48 33.55 -8.53
N GLU A 49 23.71 33.03 -8.53
CA GLU A 49 24.84 33.77 -8.01
C GLU A 49 25.15 35.00 -8.85
N LEU A 50 24.74 34.97 -10.12
CA LEU A 50 25.04 36.09 -11.00
C LEU A 50 24.47 37.38 -10.47
N ARG A 51 23.42 37.28 -9.66
CA ARG A 51 22.78 38.47 -9.11
C ARG A 51 22.85 38.49 -7.58
N SER A 52 23.67 37.61 -7.02
CA SER A 52 23.80 37.49 -5.56
C SER A 52 24.75 38.51 -4.98
N LYS A 53 24.69 38.71 -3.65
CA LYS A 53 25.59 39.63 -2.98
C LYS A 53 27.06 39.22 -3.19
N GLY A 54 27.29 37.92 -3.26
CA GLY A 54 28.59 37.40 -3.67
C GLY A 54 29.65 37.22 -2.60
N GLU A 55 29.26 37.15 -1.33
CA GLU A 55 30.25 36.92 -0.26
C GLU A 55 30.83 35.51 -0.28
N SER A 56 29.98 34.50 -0.44
CA SER A 56 30.48 33.12 -0.52
C SER A 56 29.98 32.42 -1.76
N ASN A 57 30.00 33.13 -2.90
CA ASN A 57 29.72 32.46 -4.16
C ASN A 57 30.67 31.29 -4.28
N GLN A 58 30.15 30.17 -4.77
CA GLN A 58 30.96 28.97 -4.96
C GLN A 58 31.02 28.49 -6.41
N MET A 59 30.13 29.00 -7.26
CA MET A 59 30.00 28.47 -8.60
C MET A 59 30.53 29.43 -9.64
N ASN A 60 31.16 28.86 -10.65
CA ASN A 60 31.41 29.50 -11.91
C ASN A 60 30.59 28.72 -12.94
N LEU A 61 29.67 29.39 -13.62
CA LEU A 61 28.73 28.71 -14.50
C LEU A 61 29.46 27.89 -15.55
N ASP A 62 30.57 28.46 -16.04
CA ASP A 62 31.41 27.85 -17.06
C ASP A 62 31.87 26.45 -16.70
N THR A 63 32.16 26.23 -15.43
CA THR A 63 32.75 24.96 -15.02
C THR A 63 31.88 24.14 -14.07
N ALA A 64 30.66 24.58 -13.82
CA ALA A 64 29.76 23.85 -12.93
C ALA A 64 29.62 22.41 -13.44
N SER A 65 29.62 21.44 -12.53
CA SER A 65 29.58 20.05 -12.98
C SER A 65 28.92 19.15 -11.96
N GLU A 66 28.81 17.88 -12.34
CA GLU A 66 28.13 16.89 -11.55
C GLU A 66 28.89 16.60 -10.27
N LYS A 67 30.14 17.05 -10.20
CA LYS A 67 30.98 16.76 -9.04
C LYS A 67 30.68 17.65 -7.84
N GLN A 68 29.83 18.65 -8.01
CA GLN A 68 29.66 19.63 -6.95
C GLN A 68 28.58 19.30 -5.93
N TYR A 69 27.76 18.29 -6.23
CA TYR A 69 26.70 17.86 -5.32
C TYR A 69 26.62 16.36 -5.18
N THR A 70 26.34 15.91 -3.96
CA THR A 70 25.99 14.53 -3.69
C THR A 70 24.48 14.43 -3.57
N ILE A 71 23.91 13.41 -4.18
CA ILE A 71 22.46 13.23 -4.17
C ILE A 71 22.09 12.02 -3.32
N TYR A 72 21.03 12.16 -2.53
CA TYR A 72 20.58 11.06 -1.66
C TYR A 72 19.10 10.78 -1.86
N ILE A 73 18.68 9.57 -1.54
CA ILE A 73 17.27 9.29 -1.42
C ILE A 73 17.03 8.57 -0.09
N ALA A 74 15.90 8.85 0.55
CA ALA A 74 15.60 8.20 1.82
C ALA A 74 15.12 6.78 1.57
N THR A 75 15.40 5.88 2.50
CA THR A 75 14.99 4.49 2.34
C THR A 75 13.97 4.10 3.40
N ALA A 76 13.31 2.97 3.23
CA ALA A 76 12.37 2.48 4.22
C ALA A 76 13.10 2.14 5.53
N SER A 77 14.41 1.96 5.43
CA SER A 77 15.21 1.70 6.62
C SER A 77 15.49 3.00 7.37
N GLY A 78 15.14 4.12 6.75
CA GLY A 78 15.38 5.43 7.33
C GLY A 78 16.77 5.93 6.98
N GLN A 79 17.43 5.17 6.12
CA GLN A 79 18.76 5.51 5.68
C GLN A 79 18.65 6.54 4.56
N PHE A 80 19.66 7.38 4.45
CA PHE A 80 19.77 8.27 3.31
C PHE A 80 20.89 7.70 2.45
N THR A 81 20.51 6.96 1.43
CA THR A 81 21.49 6.33 0.55
C THR A 81 22.01 7.32 -0.48
N VAL A 82 23.33 7.39 -0.62
CA VAL A 82 23.95 8.15 -1.69
C VAL A 82 23.71 7.43 -3.02
N LEU A 83 23.21 8.17 -4.01
CA LEU A 83 22.95 7.61 -5.32
C LEU A 83 24.15 7.76 -6.23
N ASP A 84 24.54 6.68 -6.91
CA ASP A 84 25.65 6.76 -7.85
C ASP A 84 25.27 7.66 -9.03
N GLY A 85 26.20 8.50 -9.43
CA GLY A 85 25.99 9.46 -10.51
C GLY A 85 25.52 8.84 -11.82
N SER A 86 25.91 7.58 -12.08
CA SER A 86 25.52 6.94 -13.34
C SER A 86 24.08 6.46 -13.40
N PHE A 87 23.39 6.38 -12.26
CA PHE A 87 22.04 5.86 -12.24
C PHE A 87 21.05 6.73 -12.99
N SER A 88 20.23 6.13 -13.84
CA SER A 88 19.14 6.86 -14.47
C SER A 88 18.00 7.09 -13.47
N LEU A 89 17.25 8.17 -13.66
CA LEU A 89 16.11 8.44 -12.81
C LEU A 89 15.05 7.35 -12.86
N GLU A 90 14.88 6.74 -14.03
CA GLU A 90 13.94 5.62 -14.11
C GLU A 90 14.40 4.49 -13.19
N LEU A 91 15.70 4.23 -13.19
CA LEU A 91 16.26 3.20 -12.32
C LEU A 91 16.03 3.55 -10.86
N VAL A 92 16.27 4.81 -10.51
CA VAL A 92 16.13 5.24 -9.12
C VAL A 92 14.66 5.11 -8.68
N SER A 93 13.75 5.43 -9.59
CA SER A 93 12.33 5.40 -9.31
C SER A 93 11.86 3.97 -9.08
N GLU A 94 12.31 3.08 -9.97
CA GLU A 94 12.01 1.64 -9.86
C GLU A 94 12.58 1.02 -8.60
N LYS A 95 13.85 1.29 -8.32
CA LYS A 95 14.55 0.55 -7.29
C LYS A 95 14.56 1.19 -5.90
N TYR A 96 14.33 2.50 -5.82
CA TYR A 96 14.44 3.20 -4.54
C TYR A 96 13.20 3.98 -4.10
N TRP A 97 12.37 4.42 -5.05
CA TRP A 97 11.28 5.32 -4.69
C TRP A 97 10.00 4.54 -4.41
N LYS A 98 9.52 3.83 -5.42
CA LYS A 98 8.43 2.87 -5.24
C LYS A 98 7.12 3.48 -4.74
N VAL A 99 6.92 4.75 -5.05
CA VAL A 99 5.73 5.48 -4.61
C VAL A 99 5.17 6.24 -5.80
N ASN A 100 3.85 6.24 -5.93
CA ASN A 100 3.19 6.95 -7.03
C ASN A 100 3.02 8.45 -6.73
N LYS A 101 4.16 9.11 -6.55
CA LYS A 101 4.21 10.52 -6.26
C LYS A 101 5.49 11.04 -6.87
N PRO A 102 5.60 12.37 -7.02
CA PRO A 102 6.87 12.95 -7.49
C PRO A 102 8.00 12.50 -6.58
N MET A 103 9.17 12.23 -7.15
CA MET A 103 10.27 11.64 -6.39
C MET A 103 10.85 12.68 -5.45
N GLU A 104 11.27 12.24 -4.26
CA GLU A 104 11.86 13.15 -3.32
C GLU A 104 13.33 12.79 -3.18
N LEU A 105 14.21 13.73 -3.56
CA LEU A 105 15.65 13.55 -3.50
C LEU A 105 16.22 14.61 -2.61
N TYR A 106 17.37 14.32 -2.04
CA TYR A 106 18.06 15.30 -1.20
C TYR A 106 19.43 15.55 -1.80
N TYR A 107 19.96 16.73 -1.53
CA TYR A 107 21.30 17.05 -1.97
C TYR A 107 22.17 17.68 -0.89
N ALA A 108 23.47 17.56 -1.07
CA ALA A 108 24.44 18.24 -0.22
C ALA A 108 25.65 18.62 -1.05
N PRO A 109 26.19 19.85 -0.84
CA PRO A 109 27.38 20.26 -1.59
C PRO A 109 28.56 19.37 -1.21
N THR A 110 29.37 19.00 -2.19
CA THR A 110 30.53 18.16 -1.93
C THR A 110 31.64 19.05 -1.40
N LYS A 111 32.49 18.60 -0.46
CA LYS A 111 32.64 17.25 0.11
C LYS A 111 33.99 16.67 -0.32
N PRO B 4 2.59 10.84 -11.50
CA PRO B 4 2.82 11.64 -10.30
C PRO B 4 3.30 13.05 -10.67
N ARG B 5 2.41 14.03 -10.60
CA ARG B 5 2.80 15.40 -10.90
C ARG B 5 2.87 16.28 -9.64
N LEU B 6 3.78 17.25 -9.66
CA LEU B 6 3.88 18.22 -8.58
C LEU B 6 2.56 19.02 -8.57
N LYS B 7 2.10 19.38 -7.37
CA LYS B 7 0.81 20.06 -7.25
C LYS B 7 0.95 21.49 -6.72
N ASN B 8 2.11 21.81 -6.16
CA ASN B 8 2.30 23.09 -5.49
C ASN B 8 3.13 24.09 -6.33
N VAL B 9 3.24 23.84 -7.62
CA VAL B 9 4.08 24.69 -8.46
C VAL B 9 3.26 25.51 -9.43
N ASP B 10 3.80 26.65 -9.82
CA ASP B 10 3.19 27.41 -10.88
C ASP B 10 3.78 26.95 -12.21
N ARG B 11 3.01 26.16 -12.94
CA ARG B 11 3.45 25.61 -14.22
C ARG B 11 3.93 26.63 -15.25
N SER B 12 3.34 27.82 -15.24
CA SER B 12 3.72 28.85 -16.19
C SER B 12 5.14 29.37 -15.98
N THR B 13 5.71 29.12 -14.80
CA THR B 13 7.06 29.62 -14.49
C THR B 13 8.17 28.73 -15.05
N ALA B 14 7.77 27.66 -15.72
CA ALA B 14 8.70 26.66 -16.28
C ALA B 14 9.92 27.27 -16.96
N GLN B 15 11.10 26.90 -16.52
CA GLN B 15 12.33 27.36 -17.15
C GLN B 15 13.20 26.14 -17.42
N GLN B 16 13.91 26.19 -18.54
CA GLN B 16 14.63 25.03 -19.04
C GLN B 16 16.12 25.22 -18.99
N LEU B 17 16.80 24.12 -18.68
CA LEU B 17 18.24 24.04 -18.81
C LEU B 17 18.57 22.74 -19.52
N ALA B 18 19.33 22.85 -20.62
CA ALA B 18 19.90 21.66 -21.25
C ALA B 18 21.15 21.29 -20.46
N VAL B 19 21.18 20.10 -19.92
CA VAL B 19 22.31 19.70 -19.11
C VAL B 19 22.97 18.51 -19.79
N THR B 20 24.26 18.64 -20.04
CA THR B 20 25.00 17.58 -20.71
C THR B 20 26.01 16.97 -19.76
N VAL B 21 26.01 15.64 -19.69
CA VAL B 21 27.07 14.92 -18.99
C VAL B 21 27.60 13.89 -19.97
N GLY B 22 28.89 13.97 -20.27
CA GLY B 22 29.47 13.17 -21.34
C GLY B 22 28.80 13.52 -22.66
N ASN B 23 28.25 12.52 -23.34
CA ASN B 23 27.60 12.76 -24.64
C ASN B 23 26.09 12.63 -24.54
N VAL B 24 25.55 12.80 -23.33
CA VAL B 24 24.11 12.71 -23.11
C VAL B 24 23.56 14.02 -22.59
N THR B 25 22.63 14.62 -23.35
CA THR B 25 21.99 15.86 -22.93
C THR B 25 20.53 15.59 -22.58
N VAL B 26 20.06 16.21 -21.50
CA VAL B 26 18.65 16.16 -21.13
C VAL B 26 18.18 17.58 -20.88
N ILE B 27 16.87 17.79 -20.94
CA ILE B 27 16.30 19.09 -20.58
C ILE B 27 15.72 18.95 -19.19
N ILE B 28 16.21 19.76 -18.27
CA ILE B 28 15.65 19.81 -16.92
C ILE B 28 14.83 21.10 -16.85
N THR B 29 13.54 20.93 -16.60
CA THR B 29 12.65 22.10 -16.48
C THR B 29 12.35 22.33 -14.99
N ASP B 30 12.48 23.56 -14.51
CA ASP B 30 12.16 23.79 -13.11
C ASP B 30 11.05 24.83 -12.94
N PHE B 31 10.48 24.87 -11.75
CA PHE B 31 9.28 25.65 -11.50
C PHE B 31 9.42 26.41 -10.20
N LYS B 32 8.72 27.54 -10.11
CA LYS B 32 8.60 28.24 -8.85
C LYS B 32 7.43 27.68 -8.05
N GLU B 33 7.61 27.60 -6.74
CA GLU B 33 6.53 27.18 -5.86
C GLU B 33 5.39 28.17 -6.00
N LYS B 34 4.17 27.67 -5.87
CA LYS B 34 2.99 28.50 -6.06
C LYS B 34 2.46 29.00 -4.72
N ALA C 1 9.85 0.88 -31.11
CA ALA C 1 9.73 1.28 -32.50
C ALA C 1 11.07 1.11 -33.23
N SER C 2 11.00 0.82 -34.52
CA SER C 2 12.20 0.66 -35.32
C SER C 2 13.02 1.95 -35.41
N GLU C 3 14.33 1.84 -35.31
CA GLU C 3 15.17 3.03 -35.51
C GLU C 3 15.05 3.54 -36.92
N ILE C 4 15.13 4.85 -37.07
CA ILE C 4 15.06 5.49 -38.36
C ILE C 4 16.16 6.55 -38.40
N GLU C 5 16.75 6.76 -39.57
CA GLU C 5 17.85 7.70 -39.72
C GLU C 5 17.48 8.76 -40.74
N LEU C 6 17.98 9.97 -40.53
CA LEU C 6 17.54 11.13 -41.30
C LEU C 6 18.71 11.99 -41.73
N VAL C 7 18.58 12.63 -42.88
CA VAL C 7 19.42 13.75 -43.25
C VAL C 7 18.54 15.00 -43.13
N PHE C 8 18.95 15.93 -42.29
CA PHE C 8 18.07 17.02 -41.82
C PHE C 8 18.72 18.37 -42.13
N ARG C 9 18.08 19.17 -42.97
CA ARG C 9 18.78 20.33 -43.52
C ARG C 9 17.88 21.55 -43.56
N PRO C 10 18.50 22.74 -43.65
CA PRO C 10 17.69 23.95 -43.71
C PRO C 10 16.89 23.96 -45.01
N HIS C 11 15.66 24.45 -44.94
CA HIS C 11 14.85 24.65 -46.15
C HIS C 11 15.67 25.46 -47.16
N PRO C 12 15.77 24.97 -48.40
CA PRO C 12 16.72 25.54 -49.37
C PRO C 12 16.35 26.95 -49.85
N THR C 13 15.10 27.38 -49.67
CA THR C 13 14.76 28.75 -50.08
C THR C 13 14.26 29.62 -48.93
N LEU C 14 13.81 29.01 -47.84
CA LEU C 14 13.33 29.80 -46.72
C LEU C 14 14.49 30.24 -45.84
N MET C 15 15.58 29.49 -45.91
CA MET C 15 16.75 29.82 -45.11
C MET C 15 17.97 30.10 -45.97
N GLU C 16 18.79 31.04 -45.50
CA GLU C 16 20.05 31.34 -46.16
C GLU C 16 21.10 30.34 -45.69
N LYS C 17 22.11 30.10 -46.51
CA LYS C 17 23.13 29.10 -46.18
C LYS C 17 24.30 29.69 -45.39
N ASP C 18 24.21 29.60 -44.06
CA ASP C 18 25.29 30.03 -43.19
C ASP C 18 25.91 28.84 -42.50
N ASP C 19 26.79 29.11 -41.54
CA ASP C 19 27.35 28.06 -40.68
C ASP C 19 27.06 28.44 -39.24
N SER C 20 26.42 27.53 -38.51
CA SER C 20 26.07 26.22 -39.05
C SER C 20 24.56 26.04 -39.27
N ALA C 21 24.02 26.69 -40.29
CA ALA C 21 22.79 26.23 -40.90
C ALA C 21 23.28 24.99 -41.61
N GLN C 22 23.45 23.93 -40.84
CA GLN C 22 24.28 22.83 -41.26
C GLN C 22 23.46 21.56 -41.34
N THR C 23 23.95 20.62 -42.15
CA THR C 23 23.32 19.33 -42.31
C THR C 23 23.47 18.55 -41.02
N ARG C 24 22.36 17.97 -40.57
CA ARG C 24 22.36 17.16 -39.37
C ARG C 24 22.10 15.73 -39.77
N TYR C 25 22.89 14.83 -39.21
CA TYR C 25 22.75 13.41 -39.49
C TYR C 25 22.21 12.74 -38.23
N ILE C 26 20.99 12.22 -38.30
CA ILE C 26 20.27 11.84 -37.10
C ILE C 26 19.76 10.41 -37.08
N LYS C 27 19.73 9.81 -35.91
CA LYS C 27 19.04 8.55 -35.69
C LYS C 27 18.11 8.72 -34.49
N THR C 28 16.91 8.14 -34.57
CA THR C 28 16.03 8.10 -33.42
C THR C 28 15.11 6.90 -33.59
N SER C 29 14.17 6.70 -32.66
CA SER C 29 13.18 5.63 -32.77
C SER C 29 12.02 6.16 -33.64
N GLY C 30 11.39 5.28 -34.40
CA GLY C 30 10.45 5.71 -35.43
C GLY C 30 9.17 6.29 -34.86
N ASN C 31 8.95 6.09 -33.56
CA ASN C 31 7.81 6.71 -32.87
C ASN C 31 8.05 8.18 -32.54
N ALA C 32 9.30 8.64 -32.65
CA ALA C 32 9.59 10.06 -32.51
C ALA C 32 8.71 10.81 -33.50
N THR C 33 8.10 11.91 -33.07
CA THR C 33 7.27 12.71 -33.97
C THR C 33 8.01 13.90 -34.58
N VAL C 34 7.39 14.48 -35.58
CA VAL C 34 7.87 15.69 -36.18
C VAL C 34 8.11 16.77 -35.12
N ASP C 35 7.22 16.85 -34.13
CA ASP C 35 7.33 17.84 -33.04
C ASP C 35 8.56 17.54 -32.17
N HIS C 36 8.84 16.26 -31.93
CA HIS C 36 10.06 15.90 -31.18
C HIS C 36 11.30 16.36 -31.94
N LEU C 37 11.31 16.14 -33.26
CA LEU C 37 12.43 16.56 -34.10
C LEU C 37 12.58 18.07 -34.09
N SER C 38 11.45 18.78 -34.10
CA SER C 38 11.49 20.23 -34.07
C SER C 38 12.06 20.75 -32.76
N LYS C 39 11.66 20.09 -31.66
CA LYS C 39 12.13 20.50 -30.33
C LYS C 39 13.62 20.19 -30.20
N TYR C 40 14.02 19.02 -30.68
CA TYR C 40 15.45 18.68 -30.73
C TYR C 40 16.23 19.77 -31.48
N LEU C 41 15.68 20.22 -32.60
CA LEU C 41 16.37 21.19 -33.41
C LEU C 41 16.49 22.51 -32.65
N ALA C 42 15.41 22.92 -32.01
CA ALA C 42 15.43 24.13 -31.21
C ALA C 42 16.53 24.07 -30.13
N VAL C 43 16.66 22.93 -29.47
CA VAL C 43 17.68 22.77 -28.41
C VAL C 43 19.08 22.81 -29.03
N ARG C 44 19.32 21.99 -30.05
CA ARG C 44 20.64 21.91 -30.63
C ARG C 44 21.09 23.21 -31.28
N LEU C 45 20.20 23.86 -32.03
CA LEU C 45 20.58 25.12 -32.65
C LEU C 45 20.90 26.17 -31.60
N ALA C 46 20.14 26.15 -30.50
CA ALA C 46 20.36 27.09 -29.41
C ALA C 46 21.71 26.84 -28.78
N LEU C 47 22.01 25.57 -28.49
CA LEU C 47 23.27 25.25 -27.81
C LEU C 47 24.45 25.61 -28.71
N GLU C 48 24.26 25.41 -30.01
CA GLU C 48 25.33 25.69 -30.96
C GLU C 48 25.58 27.19 -31.06
N GLU C 49 24.52 27.98 -30.98
CA GLU C 49 24.64 29.44 -30.97
C GLU C 49 25.39 29.90 -29.71
N LEU C 50 25.00 29.36 -28.57
CA LEU C 50 25.62 29.74 -27.30
C LEU C 50 27.11 29.45 -27.35
N ARG C 51 27.45 28.27 -27.87
CA ARG C 51 28.83 27.86 -27.98
C ARG C 51 29.60 28.82 -28.87
N SER C 52 29.02 29.12 -30.02
CA SER C 52 29.68 30.02 -30.98
C SER C 52 29.94 31.40 -30.37
N LYS C 53 29.04 31.84 -29.51
CA LYS C 53 29.18 33.14 -28.86
C LYS C 53 29.96 33.12 -27.56
N GLY C 54 30.32 31.93 -27.09
CA GLY C 54 31.02 31.79 -25.82
C GLY C 54 30.11 32.25 -24.69
N GLU C 55 28.82 31.98 -24.85
CA GLU C 55 27.79 32.37 -23.90
C GLU C 55 27.39 31.18 -23.05
N SER C 56 27.69 31.24 -21.77
CA SER C 56 27.45 30.12 -20.88
CA SER C 56 27.44 30.11 -20.89
C SER C 56 26.03 30.12 -20.29
N ASN C 57 25.36 31.26 -20.36
CA ASN C 57 24.06 31.41 -19.72
C ASN C 57 22.92 31.11 -20.70
N GLN C 58 22.26 29.97 -20.49
CA GLN C 58 21.15 29.54 -21.35
C GLN C 58 19.89 30.40 -21.22
N MET C 59 19.85 31.28 -20.23
CA MET C 59 18.72 32.21 -20.15
C MET C 59 18.81 33.35 -21.15
N ASN C 60 19.90 33.38 -21.90
CA ASN C 60 20.11 34.39 -22.93
C ASN C 60 19.61 33.92 -24.29
N LEU C 61 18.94 32.79 -24.31
CA LEU C 61 18.20 32.36 -25.50
C LEU C 61 16.83 31.86 -25.11
N ASP C 62 15.92 31.86 -26.08
CA ASP C 62 14.54 31.49 -25.81
C ASP C 62 14.35 30.10 -25.23
N THR C 63 13.16 29.84 -24.73
CA THR C 63 12.79 28.48 -24.39
C THR C 63 12.81 27.67 -25.69
N ALA C 64 12.99 26.35 -25.58
CA ALA C 64 13.00 25.52 -26.76
C ALA C 64 11.69 24.78 -26.81
N SER C 65 11.04 24.79 -27.97
CA SER C 65 9.81 24.06 -28.06
C SER C 65 9.59 23.63 -29.50
N GLU C 66 8.63 22.76 -29.72
CA GLU C 66 8.35 22.26 -31.05
C GLU C 66 7.76 23.36 -31.94
N LYS C 67 7.27 24.43 -31.32
CA LYS C 67 6.57 25.47 -32.06
C LYS C 67 7.50 26.44 -32.80
N GLN C 68 8.80 26.29 -32.60
CA GLN C 68 9.77 27.22 -33.18
C GLN C 68 10.22 26.90 -34.60
N TYR C 69 10.07 25.63 -35.01
CA TYR C 69 10.46 25.24 -36.36
C TYR C 69 9.36 24.49 -37.07
N THR C 70 9.23 24.79 -38.34
CA THR C 70 8.34 24.07 -39.23
C THR C 70 9.21 23.07 -39.96
N ILE C 71 8.70 21.85 -40.07
CA ILE C 71 9.43 20.78 -40.74
C ILE C 71 8.73 20.38 -42.05
N TYR C 72 9.54 20.12 -43.07
CA TYR C 72 9.04 19.84 -44.42
C TYR C 72 9.64 18.58 -44.99
N ILE C 73 8.92 17.94 -45.91
CA ILE C 73 9.54 16.91 -46.71
C ILE C 73 9.37 17.26 -48.20
N ALA C 74 10.47 17.18 -48.94
CA ALA C 74 10.39 17.36 -50.38
C ALA C 74 9.97 16.05 -50.99
N THR C 75 8.99 16.11 -51.87
CA THR C 75 8.49 14.89 -52.47
C THR C 75 8.85 14.77 -53.96
N ALA C 76 8.48 13.64 -54.55
CA ALA C 76 8.84 13.30 -55.92
C ALA C 76 8.46 14.40 -56.90
N SER C 77 7.37 15.10 -56.60
CA SER C 77 6.84 16.11 -57.50
C SER C 77 7.65 17.41 -57.46
N GLY C 78 8.52 17.53 -56.46
CA GLY C 78 9.30 18.74 -56.27
C GLY C 78 8.66 19.75 -55.32
N GLN C 79 7.50 19.42 -54.77
CA GLN C 79 6.92 20.32 -53.81
C GLN C 79 7.42 19.96 -52.40
N PHE C 80 7.21 20.88 -51.48
CA PHE C 80 7.57 20.66 -50.08
C PHE C 80 6.29 20.56 -49.27
N THR C 81 6.10 19.42 -48.62
CA THR C 81 4.95 19.24 -47.78
C THR C 81 5.26 19.67 -46.35
N VAL C 82 4.44 20.53 -45.78
CA VAL C 82 4.62 20.89 -44.37
C VAL C 82 4.11 19.73 -43.54
N LEU C 83 4.92 19.22 -42.63
CA LEU C 83 4.54 18.04 -41.86
C LEU C 83 3.77 18.31 -40.58
N ASP C 84 2.67 17.60 -40.40
CA ASP C 84 1.94 17.62 -39.14
C ASP C 84 2.87 17.20 -37.99
N GLY C 85 2.99 18.08 -37.00
CA GLY C 85 3.86 17.84 -35.86
C GLY C 85 3.57 16.56 -35.09
N SER C 86 2.34 16.08 -35.16
CA SER C 86 1.94 14.89 -34.41
CA SER C 86 1.98 14.89 -34.39
C SER C 86 2.29 13.57 -35.11
N PHE C 87 2.69 13.66 -36.38
CA PHE C 87 3.03 12.45 -37.14
C PHE C 87 4.34 11.85 -36.64
N SER C 88 4.35 10.55 -36.44
CA SER C 88 5.62 9.86 -36.20
C SER C 88 6.49 9.90 -37.45
N LEU C 89 7.80 9.85 -37.26
CA LEU C 89 8.70 9.85 -38.39
C LEU C 89 8.52 8.61 -39.25
N GLU C 90 8.17 7.48 -38.60
CA GLU C 90 7.91 6.24 -39.33
C GLU C 90 6.74 6.46 -40.27
N LEU C 91 5.69 7.10 -39.77
CA LEU C 91 4.55 7.45 -40.60
C LEU C 91 4.92 8.42 -41.73
N VAL C 92 5.72 9.43 -41.43
CA VAL C 92 6.16 10.38 -42.42
C VAL C 92 6.85 9.65 -43.57
N SER C 93 7.74 8.73 -43.20
CA SER C 93 8.49 7.98 -44.18
C SER C 93 7.53 7.16 -45.04
N GLU C 94 6.60 6.47 -44.40
CA GLU C 94 5.66 5.62 -45.15
C GLU C 94 4.75 6.41 -46.09
N LYS C 95 4.31 7.59 -45.64
CA LYS C 95 3.39 8.39 -46.45
C LYS C 95 4.06 9.15 -47.56
N TYR C 96 5.25 9.71 -47.29
CA TYR C 96 5.82 10.74 -48.17
C TYR C 96 7.15 10.40 -48.82
N TRP C 97 7.87 9.44 -48.25
CA TRP C 97 9.24 9.16 -48.66
C TRP C 97 9.28 7.85 -49.43
N LYS C 98 9.52 7.94 -50.73
CA LYS C 98 9.34 6.74 -51.56
C LYS C 98 10.51 5.78 -51.45
N VAL C 99 11.62 6.27 -50.91
CA VAL C 99 12.92 5.67 -51.19
C VAL C 99 13.56 4.85 -50.08
N ASN C 100 14.36 3.90 -50.50
CA ASN C 100 15.15 3.09 -49.59
C ASN C 100 16.46 3.77 -49.23
N LYS C 101 16.34 4.96 -48.65
CA LYS C 101 17.50 5.75 -48.23
C LYS C 101 17.09 6.49 -46.99
N PRO C 102 18.08 6.96 -46.21
CA PRO C 102 17.75 7.80 -45.06
C PRO C 102 16.87 8.98 -45.47
N MET C 103 15.84 9.23 -44.66
CA MET C 103 14.81 10.19 -45.05
C MET C 103 15.32 11.62 -45.00
N GLU C 104 15.02 12.39 -46.04
CA GLU C 104 15.53 13.76 -46.12
C GLU C 104 14.43 14.73 -45.72
N LEU C 105 14.69 15.47 -44.64
CA LEU C 105 13.74 16.43 -44.08
C LEU C 105 14.37 17.81 -44.04
N TYR C 106 13.52 18.84 -43.96
CA TYR C 106 13.97 20.22 -44.01
C TYR C 106 13.31 21.01 -42.92
N TYR C 107 13.96 22.08 -42.49
CA TYR C 107 13.39 22.91 -41.45
C TYR C 107 13.49 24.40 -41.75
N ALA C 108 12.60 25.17 -41.16
CA ALA C 108 12.66 26.63 -41.24
C ALA C 108 12.03 27.18 -39.98
N PRO C 109 12.56 28.31 -39.48
CA PRO C 109 11.97 28.93 -38.29
C PRO C 109 10.51 29.26 -38.57
N THR C 110 9.63 29.00 -37.61
CA THR C 110 8.20 29.24 -37.79
C THR C 110 7.91 30.75 -37.76
N LYS C 111 6.99 31.20 -38.60
CA LYS C 111 6.59 32.60 -38.59
C LYS C 111 5.28 32.79 -37.82
N GLY D 1 12.84 -6.60 -41.46
CA GLY D 1 12.32 -5.35 -41.98
C GLY D 1 13.32 -4.64 -42.87
N THR D 2 12.94 -3.46 -43.35
CA THR D 2 13.83 -2.66 -44.18
C THR D 2 14.15 -1.31 -43.52
N ARG D 3 15.41 -1.15 -43.12
CA ARG D 3 15.81 0.05 -42.40
C ARG D 3 17.06 0.67 -43.01
N PRO D 4 16.90 1.80 -43.72
CA PRO D 4 18.09 2.43 -44.27
C PRO D 4 18.96 3.01 -43.16
N ARG D 5 20.27 2.99 -43.40
CA ARG D 5 21.22 3.56 -42.44
C ARG D 5 22.10 4.55 -43.15
N LEU D 6 22.50 5.58 -42.42
CA LEU D 6 23.45 6.55 -42.90
C LEU D 6 24.81 5.88 -43.08
N LYS D 7 25.41 6.07 -44.26
CA LYS D 7 26.67 5.40 -44.59
C LYS D 7 27.89 6.26 -44.29
N ASN D 8 27.65 7.55 -44.12
CA ASN D 8 28.72 8.56 -44.06
C ASN D 8 29.14 9.02 -42.66
N VAL D 9 28.48 8.50 -41.62
CA VAL D 9 28.68 9.04 -40.28
C VAL D 9 29.66 8.23 -39.45
N ASP D 10 30.32 8.93 -38.53
CA ASP D 10 31.21 8.31 -37.56
C ASP D 10 30.41 8.06 -36.30
N ARG D 11 30.07 6.80 -36.04
CA ARG D 11 29.13 6.52 -34.95
C ARG D 11 29.69 6.76 -33.54
N SER D 12 31.02 6.87 -33.43
CA SER D 12 31.62 7.19 -32.14
C SER D 12 31.40 8.66 -31.75
N THR D 13 30.91 9.46 -32.68
CA THR D 13 30.67 10.87 -32.38
C THR D 13 29.23 11.11 -31.93
N ALA D 14 28.49 10.03 -31.71
CA ALA D 14 27.11 10.12 -31.28
C ALA D 14 26.93 11.13 -30.13
N GLN D 15 26.00 12.06 -30.30
CA GLN D 15 25.54 12.89 -29.19
C GLN D 15 24.04 12.67 -29.03
N GLN D 16 23.59 12.39 -27.81
CA GLN D 16 22.21 11.98 -27.58
C GLN D 16 21.43 13.08 -26.86
N LEU D 17 20.20 13.35 -27.27
CA LEU D 17 19.36 14.32 -26.58
C LEU D 17 18.01 13.69 -26.28
N ALA D 18 17.60 13.67 -25.01
CA ALA D 18 16.28 13.15 -24.66
C ALA D 18 15.27 14.28 -24.83
N VAL D 19 14.23 14.04 -25.64
CA VAL D 19 13.27 15.08 -25.95
C VAL D 19 11.86 14.60 -25.61
N THR D 20 11.10 15.42 -24.89
CA THR D 20 9.72 15.07 -24.56
C THR D 20 8.73 16.03 -25.19
N VAL D 21 7.70 15.45 -25.81
CA VAL D 21 6.57 16.23 -26.29
C VAL D 21 5.33 15.43 -25.92
N GLY D 22 4.34 16.09 -25.36
CA GLY D 22 3.20 15.38 -24.80
C GLY D 22 3.69 14.44 -23.70
N ASN D 23 3.25 13.19 -23.76
CA ASN D 23 3.73 12.18 -22.81
C ASN D 23 4.65 11.17 -23.47
N VAL D 24 5.39 11.62 -24.47
CA VAL D 24 6.31 10.72 -25.18
C VAL D 24 7.72 11.28 -25.17
N THR D 25 8.65 10.48 -24.64
CA THR D 25 10.06 10.85 -24.61
C THR D 25 10.83 9.96 -25.55
N VAL D 26 11.65 10.55 -26.42
CA VAL D 26 12.51 9.76 -27.26
C VAL D 26 13.93 10.26 -27.15
N ILE D 27 14.88 9.45 -27.58
CA ILE D 27 16.25 9.90 -27.67
C ILE D 27 16.58 10.16 -29.13
N ILE D 28 17.03 11.37 -29.41
CA ILE D 28 17.44 11.73 -30.74
C ILE D 28 18.96 11.89 -30.74
N THR D 29 19.62 11.08 -31.56
CA THR D 29 21.08 11.08 -31.61
C THR D 29 21.58 11.74 -32.88
N ASP D 30 22.58 12.59 -32.79
CA ASP D 30 23.19 13.03 -34.04
C ASP D 30 24.67 12.67 -34.11
N PHE D 31 25.19 12.69 -35.32
CA PHE D 31 26.55 12.25 -35.59
C PHE D 31 27.26 13.26 -36.46
N LYS D 32 28.59 13.29 -36.33
CA LYS D 32 29.45 13.94 -37.31
C LYS D 32 29.79 12.96 -38.44
N GLU D 33 30.12 13.52 -39.61
CA GLU D 33 30.59 12.68 -40.72
C GLU D 33 31.98 12.12 -40.47
N LYS D 34 32.27 10.95 -41.03
CA LYS D 34 33.58 10.32 -40.91
C LYS D 34 34.64 11.13 -41.66
N ALA E 1 0.74 0.38 -19.57
CA ALA E 1 -0.27 0.61 -20.59
C ALA E 1 -1.22 1.74 -20.20
N SER E 2 -0.70 2.98 -20.13
CA SER E 2 -1.52 4.09 -19.68
C SER E 2 -2.70 4.31 -20.61
N GLU E 3 -3.70 5.05 -20.16
CA GLU E 3 -4.97 5.09 -20.87
C GLU E 3 -4.87 5.67 -22.28
N ILE E 4 -5.71 5.16 -23.16
CA ILE E 4 -5.75 5.59 -24.55
C ILE E 4 -7.12 6.17 -24.83
N GLU E 5 -7.16 7.29 -25.53
CA GLU E 5 -8.42 7.86 -25.94
C GLU E 5 -8.56 7.66 -27.42
N LEU E 6 -9.79 7.49 -27.89
CA LEU E 6 -9.98 7.29 -29.31
C LEU E 6 -11.32 7.76 -29.78
N VAL E 7 -11.40 7.99 -31.09
CA VAL E 7 -12.66 8.32 -31.70
C VAL E 7 -13.06 7.18 -32.62
N PHE E 8 -14.29 6.75 -32.47
CA PHE E 8 -14.80 5.62 -33.19
C PHE E 8 -15.79 6.13 -34.23
N ARG E 9 -15.43 6.02 -35.52
CA ARG E 9 -16.32 6.50 -36.56
C ARG E 9 -16.92 5.33 -37.32
N PRO E 10 -18.12 5.54 -37.85
CA PRO E 10 -18.67 4.52 -38.76
C PRO E 10 -17.80 4.39 -40.01
N HIS E 11 -17.60 3.16 -40.48
CA HIS E 11 -16.94 2.92 -41.76
C HIS E 11 -17.59 3.77 -42.84
N PRO E 12 -16.76 4.37 -43.70
CA PRO E 12 -17.18 5.32 -44.74
C PRO E 12 -18.13 4.74 -45.81
N THR E 13 -18.09 3.44 -46.05
CA THR E 13 -18.87 2.87 -47.14
C THR E 13 -19.77 1.68 -46.77
N LEU E 14 -19.49 1.05 -45.63
CA LEU E 14 -20.21 -0.18 -45.28
C LEU E 14 -21.56 0.03 -44.57
N MET E 15 -21.78 1.22 -44.03
CA MET E 15 -23.01 1.47 -43.27
C MET E 15 -24.24 1.44 -44.18
N GLU E 16 -25.31 0.83 -43.70
CA GLU E 16 -26.54 0.83 -44.47
C GLU E 16 -27.52 1.81 -43.85
N LYS E 17 -28.50 2.22 -44.66
CA LYS E 17 -29.44 3.27 -44.29
C LYS E 17 -29.90 3.20 -42.83
N ASP E 18 -30.23 1.99 -42.37
CA ASP E 18 -30.82 1.82 -41.05
C ASP E 18 -29.84 1.43 -39.94
N ASP E 19 -28.54 1.41 -40.25
CA ASP E 19 -27.54 1.13 -39.24
C ASP E 19 -27.32 2.32 -38.32
N SER E 20 -27.20 2.06 -37.02
CA SER E 20 -26.78 3.08 -36.08
C SER E 20 -25.34 3.48 -36.39
N ALA E 21 -25.10 4.76 -36.62
CA ALA E 21 -23.79 5.21 -37.09
C ALA E 21 -23.30 6.41 -36.28
N GLN E 22 -23.45 6.32 -34.96
CA GLN E 22 -22.98 7.39 -34.08
C GLN E 22 -21.45 7.38 -34.01
N THR E 23 -20.86 8.57 -34.01
CA THR E 23 -19.44 8.69 -33.70
C THR E 23 -19.25 8.68 -32.19
N ARG E 24 -18.37 7.82 -31.70
CA ARG E 24 -18.18 7.67 -30.26
C ARG E 24 -16.79 8.07 -29.80
N TYR E 25 -16.73 8.56 -28.57
CA TYR E 25 -15.52 9.13 -28.01
C TYR E 25 -15.26 8.42 -26.70
N ILE E 26 -14.19 7.64 -26.66
CA ILE E 26 -13.98 6.78 -25.51
C ILE E 26 -12.58 6.91 -24.95
N LYS E 27 -12.42 6.42 -23.72
CA LYS E 27 -11.12 6.30 -23.09
C LYS E 27 -11.07 4.95 -22.41
N THR E 28 -9.94 4.26 -22.50
CA THR E 28 -9.78 2.99 -21.79
C THR E 28 -8.32 2.58 -21.67
N SER E 29 -8.02 1.51 -20.94
CA SER E 29 -6.63 1.09 -20.77
C SER E 29 -6.07 0.48 -22.06
N GLY E 30 -4.77 0.64 -22.25
CA GLY E 30 -4.10 0.11 -23.44
C GLY E 30 -4.18 -1.40 -23.47
N ASN E 31 -4.54 -1.98 -22.33
CA ASN E 31 -4.71 -3.41 -22.18
C ASN E 31 -5.94 -3.95 -22.88
N ALA E 32 -6.96 -3.10 -23.01
CA ALA E 32 -8.19 -3.48 -23.67
C ALA E 32 -7.91 -3.98 -25.09
N THR E 33 -8.62 -5.00 -25.53
CA THR E 33 -8.45 -5.51 -26.89
C THR E 33 -9.50 -4.97 -27.85
N VAL E 34 -9.26 -5.21 -29.13
CA VAL E 34 -10.19 -4.81 -30.18
C VAL E 34 -11.54 -5.45 -29.93
N ASP E 35 -11.53 -6.69 -29.44
CA ASP E 35 -12.77 -7.37 -29.10
C ASP E 35 -13.52 -6.64 -27.98
N HIS E 36 -12.80 -6.12 -27.00
CA HIS E 36 -13.43 -5.30 -25.97
C HIS E 36 -14.16 -4.11 -26.60
N LEU E 37 -13.51 -3.46 -27.56
CA LEU E 37 -14.13 -2.30 -28.21
C LEU E 37 -15.36 -2.71 -29.03
N SER E 38 -15.27 -3.85 -29.70
CA SER E 38 -16.37 -4.34 -30.50
C SER E 38 -17.56 -4.64 -29.62
N LYS E 39 -17.29 -5.24 -28.47
CA LYS E 39 -18.34 -5.55 -27.51
C LYS E 39 -18.96 -4.27 -26.96
N TYR E 40 -18.11 -3.30 -26.64
CA TYR E 40 -18.56 -2.00 -26.18
C TYR E 40 -19.56 -1.39 -27.17
N LEU E 41 -19.20 -1.34 -28.45
CA LEU E 41 -20.10 -0.80 -29.46
C LEU E 41 -21.47 -1.47 -29.40
N ALA E 42 -21.47 -2.78 -29.15
CA ALA E 42 -22.69 -3.55 -29.05
C ALA E 42 -23.46 -3.22 -27.76
N VAL E 43 -22.74 -3.13 -26.64
CA VAL E 43 -23.36 -2.81 -25.36
C VAL E 43 -23.94 -1.40 -25.37
N ARG E 44 -23.18 -0.46 -25.92
CA ARG E 44 -23.60 0.94 -25.95
C ARG E 44 -24.82 1.12 -26.86
N LEU E 45 -24.89 0.31 -27.91
CA LEU E 45 -26.06 0.33 -28.79
C LEU E 45 -27.24 -0.28 -28.05
N ALA E 46 -26.97 -1.35 -27.32
CA ALA E 46 -28.00 -2.03 -26.55
C ALA E 46 -28.72 -1.04 -25.64
N LEU E 47 -27.94 -0.29 -24.87
CA LEU E 47 -28.48 0.71 -23.97
C LEU E 47 -29.37 1.71 -24.70
N GLU E 48 -28.84 2.29 -25.78
CA GLU E 48 -29.60 3.26 -26.57
C GLU E 48 -30.94 2.68 -27.03
N GLU E 49 -31.02 1.36 -27.11
CA GLU E 49 -32.24 0.70 -27.58
C GLU E 49 -33.17 0.25 -26.45
N LEU E 50 -32.64 0.23 -25.21
CA LEU E 50 -33.48 0.03 -24.03
C LEU E 50 -33.34 1.23 -23.09
N ARG E 51 -33.57 2.42 -23.63
CA ARG E 51 -33.36 3.65 -22.89
C ARG E 51 -33.84 4.85 -23.71
N LEU E 61 -28.08 -7.12 -20.58
CA LEU E 61 -27.27 -6.92 -21.78
C LEU E 61 -26.42 -8.14 -22.07
N ASP E 62 -26.91 -9.31 -21.67
CA ASP E 62 -26.17 -10.55 -21.85
C ASP E 62 -25.99 -10.92 -23.31
N THR E 63 -26.79 -10.30 -24.19
CA THR E 63 -26.74 -10.61 -25.60
C THR E 63 -25.93 -9.60 -26.41
N ALA E 64 -24.90 -9.02 -25.78
CA ALA E 64 -23.96 -8.17 -26.50
C ALA E 64 -22.67 -8.93 -26.68
N SER E 65 -22.09 -8.85 -27.88
CA SER E 65 -20.94 -9.67 -28.20
C SER E 65 -19.90 -8.92 -29.02
N GLU E 66 -18.65 -9.29 -28.83
CA GLU E 66 -17.55 -8.77 -29.62
C GLU E 66 -17.69 -9.18 -31.08
N LYS E 67 -18.58 -10.12 -31.36
CA LYS E 67 -18.79 -10.60 -32.73
C LYS E 67 -19.73 -9.70 -33.55
N GLN E 68 -20.34 -8.71 -32.91
CA GLN E 68 -21.34 -7.89 -33.60
C GLN E 68 -20.75 -6.78 -34.46
N TYR E 69 -19.49 -6.42 -34.21
CA TYR E 69 -18.86 -5.34 -34.97
C TYR E 69 -17.47 -5.72 -35.48
N THR E 70 -17.17 -5.25 -36.67
CA THR E 70 -15.82 -5.37 -37.22
C THR E 70 -15.12 -4.03 -37.11
N ILE E 71 -13.85 -4.05 -36.69
CA ILE E 71 -13.13 -2.82 -36.39
C ILE E 71 -12.00 -2.62 -37.40
N TYR E 72 -11.87 -1.38 -37.87
CA TYR E 72 -10.86 -1.04 -38.87
C TYR E 72 -9.98 0.12 -38.45
N ILE E 73 -8.81 0.15 -39.06
CA ILE E 73 -7.99 1.35 -38.97
C ILE E 73 -7.50 1.71 -40.36
N ALA E 74 -7.36 3.00 -40.64
CA ALA E 74 -6.88 3.45 -41.95
C ALA E 74 -5.35 3.28 -42.04
N THR E 75 -4.83 2.98 -43.23
CA THR E 75 -3.39 2.85 -43.40
C THR E 75 -2.85 3.97 -44.28
N ALA E 76 -1.52 4.09 -44.35
CA ALA E 76 -0.88 5.13 -45.15
C ALA E 76 -1.08 4.87 -46.65
N SER E 77 -1.37 3.62 -47.00
CA SER E 77 -1.66 3.29 -48.39
C SER E 77 -3.12 3.57 -48.74
N GLY E 78 -3.89 3.99 -47.75
CA GLY E 78 -5.29 4.31 -47.97
C GLY E 78 -6.23 3.14 -47.84
N GLN E 79 -5.73 2.03 -47.30
CA GLN E 79 -6.57 0.87 -47.06
C GLN E 79 -7.22 0.99 -45.68
N PHE E 80 -8.34 0.29 -45.51
CA PHE E 80 -8.94 0.13 -44.20
C PHE E 80 -8.73 -1.32 -43.78
N THR E 81 -7.77 -1.53 -42.90
CA THR E 81 -7.41 -2.88 -42.51
C THR E 81 -8.22 -3.31 -41.31
N VAL E 82 -8.80 -4.50 -41.41
CA VAL E 82 -9.52 -5.11 -40.30
C VAL E 82 -8.54 -5.49 -39.19
N LEU E 83 -8.86 -5.07 -37.97
CA LEU E 83 -8.00 -5.38 -36.83
C LEU E 83 -8.44 -6.68 -36.15
N ASP E 84 -7.46 -7.54 -35.88
CA ASP E 84 -7.69 -8.75 -35.12
C ASP E 84 -8.30 -8.44 -33.75
N GLY E 85 -9.37 -9.13 -33.39
CA GLY E 85 -10.02 -8.93 -32.12
C GLY E 85 -9.10 -9.08 -30.91
N SER E 86 -8.04 -9.86 -31.07
CA SER E 86 -7.15 -10.17 -29.96
C SER E 86 -6.09 -9.10 -29.72
N PHE E 87 -5.89 -8.20 -30.68
CA PHE E 87 -4.93 -7.11 -30.50
C PHE E 87 -5.32 -6.17 -29.37
N SER E 88 -4.35 -5.83 -28.53
CA SER E 88 -4.54 -4.80 -27.52
C SER E 88 -4.55 -3.45 -28.23
N LEU E 89 -5.18 -2.46 -27.61
CA LEU E 89 -5.17 -1.11 -28.14
C LEU E 89 -3.76 -0.54 -28.18
N GLU E 90 -2.93 -0.93 -27.21
CA GLU E 90 -1.54 -0.51 -27.18
C GLU E 90 -0.80 -0.98 -28.44
N LEU E 91 -0.98 -2.24 -28.79
CA LEU E 91 -0.37 -2.79 -30.00
C LEU E 91 -0.88 -2.06 -31.22
N VAL E 92 -2.19 -1.83 -31.26
CA VAL E 92 -2.78 -1.12 -32.38
C VAL E 92 -2.17 0.26 -32.53
N SER E 93 -2.02 0.97 -31.42
CA SER E 93 -1.47 2.32 -31.45
C SER E 93 -0.09 2.35 -32.09
N GLU E 94 0.77 1.41 -31.68
CA GLU E 94 2.17 1.39 -32.10
C GLU E 94 2.36 0.88 -33.52
N LYS E 95 1.68 -0.22 -33.84
CA LYS E 95 1.89 -0.86 -35.13
C LYS E 95 1.02 -0.25 -36.22
N TYR E 96 -0.08 0.39 -35.83
CA TYR E 96 -1.04 0.83 -36.84
C TYR E 96 -1.36 2.33 -36.89
N TRP E 97 -1.41 2.99 -35.74
CA TRP E 97 -1.85 4.38 -35.70
C TRP E 97 -0.69 5.38 -36.00
N LYS E 98 0.33 5.38 -35.16
CA LYS E 98 1.56 6.14 -35.49
C LYS E 98 1.41 7.66 -35.47
N VAL E 99 0.39 8.17 -34.78
CA VAL E 99 0.18 9.60 -34.63
C VAL E 99 0.02 9.94 -33.16
N ASN E 100 0.60 11.06 -32.73
CA ASN E 100 0.47 11.51 -31.34
C ASN E 100 -0.83 12.30 -31.17
N LYS E 101 -1.94 11.61 -31.45
CA LYS E 101 -3.29 12.13 -31.29
C LYS E 101 -4.14 10.94 -30.87
N PRO E 102 -5.37 11.20 -30.39
CA PRO E 102 -6.27 10.08 -30.08
C PRO E 102 -6.45 9.18 -31.31
N MET E 103 -6.45 7.87 -31.11
CA MET E 103 -6.56 6.92 -32.21
C MET E 103 -7.89 7.09 -32.91
N GLU E 104 -7.87 6.91 -34.22
CA GLU E 104 -9.09 6.97 -35.01
C GLU E 104 -9.38 5.57 -35.55
N LEU E 105 -10.46 4.97 -35.07
CA LEU E 105 -10.88 3.66 -35.51
C LEU E 105 -12.24 3.75 -36.19
N TYR E 106 -12.52 2.76 -37.02
CA TYR E 106 -13.80 2.69 -37.73
C TYR E 106 -14.49 1.38 -37.40
N TYR E 107 -15.81 1.37 -37.52
CA TYR E 107 -16.55 0.16 -37.21
C TYR E 107 -17.60 -0.07 -38.29
N ALA E 108 -17.94 -1.34 -38.47
CA ALA E 108 -19.05 -1.70 -39.32
C ALA E 108 -19.70 -2.92 -38.67
N PRO E 109 -21.04 -2.97 -38.68
CA PRO E 109 -21.80 -4.12 -38.19
C PRO E 109 -21.42 -5.35 -38.98
N THR E 110 -21.26 -6.49 -38.32
CA THR E 110 -20.86 -7.72 -38.99
C THR E 110 -22.05 -8.43 -39.63
N ARG F 3 -1.20 14.39 -23.07
CA ARG F 3 -1.64 13.96 -24.39
C ARG F 3 -1.73 12.45 -24.48
N PRO F 4 -2.23 11.93 -25.62
CA PRO F 4 -2.99 12.69 -26.62
C PRO F 4 -4.45 12.60 -26.26
N ARG F 5 -5.04 13.71 -25.84
CA ARG F 5 -6.41 13.68 -25.32
C ARG F 5 -7.45 14.25 -26.28
N LEU F 6 -8.66 13.71 -26.20
CA LEU F 6 -9.76 14.21 -27.00
C LEU F 6 -10.01 15.66 -26.63
N LYS F 7 -10.09 16.52 -27.64
CA LYS F 7 -10.22 17.94 -27.41
C LYS F 7 -11.70 18.36 -27.38
N ASN F 8 -12.53 17.56 -28.04
CA ASN F 8 -13.92 17.96 -28.32
C ASN F 8 -14.96 17.24 -27.47
N VAL F 9 -14.64 16.93 -26.23
CA VAL F 9 -15.58 16.20 -25.38
C VAL F 9 -15.84 16.89 -24.04
N ASP F 10 -17.05 16.70 -23.53
CA ASP F 10 -17.40 17.20 -22.21
C ASP F 10 -17.00 16.19 -21.14
N ARG F 11 -15.89 16.46 -20.46
CA ARG F 11 -15.32 15.52 -19.50
C ARG F 11 -16.26 15.20 -18.34
N SER F 12 -17.24 16.06 -18.09
CA SER F 12 -18.18 15.83 -16.99
C SER F 12 -19.22 14.78 -17.36
N THR F 13 -19.53 14.68 -18.65
CA THR F 13 -20.51 13.69 -19.12
C THR F 13 -19.97 12.25 -19.10
N ALA F 14 -18.75 12.07 -18.62
CA ALA F 14 -18.12 10.75 -18.63
C ALA F 14 -19.02 9.66 -18.06
N GLN F 15 -19.38 8.69 -18.91
CA GLN F 15 -20.10 7.50 -18.47
C GLN F 15 -19.18 6.29 -18.55
N GLN F 16 -19.21 5.46 -17.51
CA GLN F 16 -18.36 4.27 -17.48
C GLN F 16 -19.17 3.01 -17.71
N LEU F 17 -18.55 2.05 -18.37
CA LEU F 17 -19.20 0.76 -18.57
C LEU F 17 -18.15 -0.34 -18.56
N ALA F 18 -18.44 -1.42 -17.84
CA ALA F 18 -17.51 -2.52 -17.77
C ALA F 18 -17.79 -3.49 -18.90
N VAL F 19 -16.72 -3.92 -19.56
CA VAL F 19 -16.85 -4.85 -20.67
C VAL F 19 -15.90 -6.02 -20.46
N THR F 20 -16.45 -7.22 -20.50
CA THR F 20 -15.66 -8.44 -20.33
C THR F 20 -15.60 -9.28 -21.59
N VAL F 21 -14.41 -9.71 -21.95
CA VAL F 21 -14.20 -10.66 -23.02
C VAL F 21 -13.31 -11.76 -22.47
N GLY F 22 -13.77 -13.00 -22.58
CA GLY F 22 -13.09 -14.10 -21.91
C GLY F 22 -13.02 -13.80 -20.42
N ASN F 23 -11.82 -13.88 -19.86
CA ASN F 23 -11.64 -13.61 -18.43
C ASN F 23 -11.01 -12.25 -18.17
N VAL F 24 -11.07 -11.38 -19.17
CA VAL F 24 -10.50 -10.04 -19.05
C VAL F 24 -11.59 -8.98 -19.07
N THR F 25 -11.64 -8.17 -18.01
CA THR F 25 -12.60 -7.09 -17.93
C THR F 25 -11.88 -5.75 -17.98
N VAL F 26 -12.38 -4.82 -18.80
CA VAL F 26 -11.84 -3.46 -18.82
C VAL F 26 -12.97 -2.48 -18.58
N ILE F 27 -12.62 -1.27 -18.14
CA ILE F 27 -13.62 -0.22 -17.98
C ILE F 27 -13.46 0.76 -19.13
N ILE F 28 -14.53 0.96 -19.89
CA ILE F 28 -14.51 1.91 -21.00
C ILE F 28 -15.31 3.13 -20.60
N THR F 29 -14.64 4.27 -20.62
CA THR F 29 -15.28 5.53 -20.34
C THR F 29 -15.63 6.16 -21.67
N ASP F 30 -16.86 6.64 -21.81
CA ASP F 30 -17.15 7.42 -22.99
C ASP F 30 -17.72 8.78 -22.67
N PHE F 31 -17.70 9.64 -23.67
CA PHE F 31 -18.08 11.03 -23.46
C PHE F 31 -19.04 11.46 -24.54
N LYS F 32 -19.86 12.46 -24.26
CA LYS F 32 -20.66 13.09 -25.29
C LYS F 32 -19.84 14.19 -25.96
N GLU F 33 -20.14 14.43 -27.23
CA GLU F 33 -19.43 15.43 -28.02
C GLU F 33 -19.97 16.84 -27.76
N LYS F 34 -19.07 17.76 -27.45
CA LYS F 34 -19.35 19.19 -27.31
C LYS F 34 -18.55 19.77 -26.17
N SER G 2 7.94 -7.41 -11.03
CA SER G 2 7.67 -8.56 -10.16
C SER G 2 6.17 -8.74 -9.94
N GLU G 3 5.77 -9.97 -9.62
CA GLU G 3 4.38 -10.30 -9.36
C GLU G 3 4.17 -10.56 -7.87
N ILE G 4 3.12 -9.96 -7.31
CA ILE G 4 2.82 -10.12 -5.88
C ILE G 4 1.42 -10.68 -5.71
N GLU G 5 1.30 -11.68 -4.83
CA GLU G 5 0.01 -12.27 -4.53
C GLU G 5 -0.34 -11.91 -3.09
N LEU G 6 -1.61 -11.66 -2.84
CA LEU G 6 -2.02 -11.29 -1.50
C LEU G 6 -3.42 -11.72 -1.15
N VAL G 7 -3.69 -11.74 0.14
CA VAL G 7 -5.01 -12.06 0.65
C VAL G 7 -5.61 -10.77 1.19
N PHE G 8 -6.82 -10.46 0.74
CA PHE G 8 -7.48 -9.22 1.06
C PHE G 8 -8.67 -9.54 1.93
N ARG G 9 -8.61 -9.18 3.22
CA ARG G 9 -9.68 -9.51 4.17
C ARG G 9 -10.39 -8.28 4.69
N PRO G 10 -11.66 -8.44 5.06
CA PRO G 10 -12.43 -7.37 5.69
C PRO G 10 -11.80 -7.00 7.03
N HIS G 11 -11.69 -5.71 7.32
CA HIS G 11 -11.24 -5.27 8.64
C HIS G 11 -12.08 -5.95 9.72
N PRO G 12 -11.41 -6.53 10.72
CA PRO G 12 -12.03 -7.36 11.77
C PRO G 12 -13.14 -6.65 12.53
N THR G 13 -13.05 -5.32 12.68
CA THR G 13 -13.99 -4.61 13.54
C THR G 13 -14.80 -3.50 12.84
N LEU G 14 -14.31 -3.02 11.70
CA LEU G 14 -14.92 -1.87 11.04
C LEU G 14 -16.17 -2.17 10.23
N MET G 15 -16.24 -3.37 9.63
CA MET G 15 -17.25 -3.63 8.61
C MET G 15 -18.58 -4.11 9.18
N SER G 20 -20.68 -5.40 2.27
CA SER G 20 -20.03 -6.52 1.59
C SER G 20 -18.70 -6.86 2.23
N ALA G 21 -18.53 -8.11 2.64
CA ALA G 21 -17.30 -8.50 3.34
C ALA G 21 -16.70 -9.82 2.85
N GLN G 22 -16.32 -9.85 1.58
CA GLN G 22 -15.68 -11.02 0.99
C GLN G 22 -14.17 -11.00 1.23
N THR G 23 -13.58 -12.17 1.41
CA THR G 23 -12.13 -12.31 1.38
C THR G 23 -11.70 -12.57 -0.05
N ARG G 24 -10.76 -11.79 -0.55
CA ARG G 24 -10.39 -11.90 -1.94
C ARG G 24 -8.94 -12.31 -2.10
N TYR G 25 -8.67 -13.04 -3.17
CA TYR G 25 -7.35 -13.57 -3.44
C TYR G 25 -6.83 -12.96 -4.74
N ILE G 26 -5.72 -12.24 -4.63
CA ILE G 26 -5.24 -11.33 -5.66
C ILE G 26 -3.84 -11.66 -6.17
N LYS G 27 -3.63 -11.47 -7.46
CA LYS G 27 -2.29 -11.45 -8.04
C LYS G 27 -2.19 -10.18 -8.88
N THR G 28 -1.09 -9.46 -8.73
CA THR G 28 -0.89 -8.26 -9.53
C THR G 28 0.60 -7.92 -9.59
N SER G 29 0.94 -6.85 -10.31
CA SER G 29 2.32 -6.45 -10.38
C SER G 29 2.74 -5.66 -9.13
N GLY G 30 4.02 -5.76 -8.78
CA GLY G 30 4.57 -5.05 -7.64
C GLY G 30 4.46 -3.55 -7.68
N ASN G 31 4.29 -2.98 -8.87
CA ASN G 31 4.13 -1.54 -9.00
C ASN G 31 2.71 -1.06 -8.80
N ALA G 32 1.76 -2.00 -8.69
CA ALA G 32 0.40 -1.63 -8.33
C ALA G 32 0.45 -0.93 -6.98
N THR G 33 -0.37 0.10 -6.82
CA THR G 33 -0.42 0.84 -5.56
C THR G 33 -1.61 0.46 -4.71
N VAL G 34 -1.55 0.89 -3.47
CA VAL G 34 -2.65 0.74 -2.54
C VAL G 34 -3.94 1.30 -3.16
N ASP G 35 -3.84 2.43 -3.83
CA ASP G 35 -5.01 3.04 -4.47
C ASP G 35 -5.60 2.15 -5.56
N HIS G 36 -4.74 1.46 -6.31
CA HIS G 36 -5.23 0.48 -7.29
C HIS G 36 -6.07 -0.59 -6.59
N LEU G 37 -5.60 -1.05 -5.44
CA LEU G 37 -6.32 -2.10 -4.72
C LEU G 37 -7.67 -1.59 -4.22
N SER G 38 -7.70 -0.37 -3.71
CA SER G 38 -8.93 0.23 -3.22
CA SER G 38 -8.93 0.25 -3.23
C SER G 38 -9.96 0.37 -4.34
N LYS G 39 -9.49 0.79 -5.51
CA LYS G 39 -10.37 0.91 -6.67
C LYS G 39 -10.81 -0.45 -7.18
N TYR G 40 -9.90 -1.42 -7.19
CA TYR G 40 -10.28 -2.78 -7.55
C TYR G 40 -11.42 -3.24 -6.66
N LEU G 41 -11.32 -2.99 -5.36
CA LEU G 41 -12.36 -3.44 -4.44
C LEU G 41 -13.69 -2.81 -4.80
N ALA G 42 -13.66 -1.52 -5.10
CA ALA G 42 -14.89 -0.80 -5.41
C ALA G 42 -15.50 -1.34 -6.71
N VAL G 43 -14.68 -1.56 -7.72
CA VAL G 43 -15.17 -2.00 -9.03
C VAL G 43 -15.64 -3.45 -9.00
N ARG G 44 -14.84 -4.32 -8.41
CA ARG G 44 -15.20 -5.74 -8.30
C ARG G 44 -16.55 -5.90 -7.57
N LEU G 45 -16.74 -5.15 -6.49
CA LEU G 45 -18.01 -5.18 -5.78
C LEU G 45 -19.16 -4.64 -6.64
N ALA G 46 -18.90 -3.55 -7.36
CA ALA G 46 -19.92 -2.98 -8.24
C ALA G 46 -20.32 -3.97 -9.33
N LEU G 47 -19.33 -4.67 -9.87
CA LEU G 47 -19.58 -5.64 -10.92
C LEU G 47 -20.42 -6.79 -10.41
N GLU G 48 -20.06 -7.31 -9.23
CA GLU G 48 -20.78 -8.42 -8.63
C GLU G 48 -22.25 -8.08 -8.44
N GLU G 49 -22.53 -6.85 -8.06
CA GLU G 49 -23.92 -6.43 -7.84
C GLU G 49 -24.68 -6.37 -9.16
N LEU G 50 -24.02 -5.89 -10.22
CA LEU G 50 -24.61 -5.87 -11.54
C LEU G 50 -24.83 -7.28 -12.07
N ARG G 51 -24.10 -8.24 -11.52
CA ARG G 51 -24.25 -9.65 -11.89
C ARG G 51 -25.44 -10.25 -11.17
N SER G 52 -26.04 -9.47 -10.26
CA SER G 52 -27.17 -9.94 -9.47
C SER G 52 -28.49 -9.41 -10.03
N ASN G 60 -22.27 3.69 -7.59
CA ASN G 60 -22.36 3.05 -8.89
C ASN G 60 -20.98 2.79 -9.48
N LEU G 61 -20.94 2.16 -10.65
CA LEU G 61 -19.68 1.99 -11.35
C LEU G 61 -19.10 3.37 -11.66
N ASP G 62 -19.98 4.30 -12.04
CA ASP G 62 -19.57 5.66 -12.31
C ASP G 62 -18.95 6.33 -11.08
N THR G 63 -19.15 5.71 -9.91
CA THR G 63 -18.65 6.27 -8.66
C THR G 63 -17.42 5.51 -8.15
N ALA G 64 -17.34 4.23 -8.48
CA ALA G 64 -16.25 3.37 -8.00
C ALA G 64 -14.90 4.06 -8.11
N SER G 65 -14.29 4.28 -6.95
CA SER G 65 -13.07 5.05 -6.85
C SER G 65 -12.20 4.51 -5.71
N GLU G 66 -10.91 4.85 -5.74
CA GLU G 66 -9.98 4.46 -4.69
C GLU G 66 -10.36 5.09 -3.36
N LYS G 67 -11.28 6.05 -3.40
CA LYS G 67 -11.65 6.78 -2.20
C LYS G 67 -12.74 6.08 -1.39
N GLN G 68 -13.23 4.95 -1.89
CA GLN G 68 -14.31 4.25 -1.22
C GLN G 68 -13.83 3.21 -0.21
N TYR G 69 -12.52 2.91 -0.22
CA TYR G 69 -11.96 1.94 0.71
C TYR G 69 -10.63 2.38 1.34
N THR G 70 -10.52 2.17 2.65
CA THR G 70 -9.23 2.33 3.32
C THR G 70 -8.57 0.97 3.43
N ILE G 71 -7.26 0.92 3.17
CA ILE G 71 -6.51 -0.33 3.23
C ILE G 71 -5.56 -0.32 4.43
N TYR G 72 -5.51 -1.42 5.16
CA TYR G 72 -4.66 -1.53 6.34
C TYR G 72 -3.78 -2.75 6.26
N ILE G 73 -2.71 -2.75 7.03
CA ILE G 73 -1.89 -3.94 7.18
C ILE G 73 -1.60 -4.07 8.67
N ALA G 74 -1.54 -5.29 9.15
CA ALA G 74 -1.31 -5.52 10.57
C ALA G 74 0.17 -5.43 10.91
N THR G 75 0.49 -4.63 11.92
CA THR G 75 1.85 -4.51 12.43
C THR G 75 2.13 -5.61 13.43
N ALA G 76 3.39 -5.99 13.58
CA ALA G 76 3.79 -6.98 14.57
C ALA G 76 3.36 -6.55 15.98
N SER G 77 3.14 -5.26 16.15
CA SER G 77 2.66 -4.71 17.42
C SER G 77 1.21 -5.11 17.70
N GLY G 78 0.50 -5.52 16.66
CA GLY G 78 -0.91 -5.87 16.80
C GLY G 78 -1.80 -4.69 16.45
N GLN G 79 -1.20 -3.70 15.79
CA GLN G 79 -1.94 -2.52 15.40
C GLN G 79 -2.27 -2.66 13.92
N PHE G 80 -3.25 -1.89 13.45
CA PHE G 80 -3.58 -1.87 12.04
C PHE G 80 -3.20 -0.53 11.45
N THR G 81 -2.19 -0.56 10.59
CA THR G 81 -1.66 0.66 10.00
C THR G 81 -2.38 0.98 8.71
N VAL G 82 -2.91 2.19 8.62
CA VAL G 82 -3.54 2.68 7.40
C VAL G 82 -2.49 2.92 6.34
N LEU G 83 -2.69 2.35 5.16
CA LEU G 83 -1.68 2.41 4.11
C LEU G 83 -1.89 3.59 3.16
N ASP G 84 -0.82 4.36 2.97
CA ASP G 84 -0.82 5.45 1.99
C ASP G 84 -1.21 4.91 0.63
N GLY G 85 -2.21 5.52 0.01
CA GLY G 85 -2.71 5.09 -1.29
C GLY G 85 -1.68 5.08 -2.40
N SER G 86 -0.66 5.92 -2.26
CA SER G 86 0.38 6.04 -3.29
C SER G 86 1.49 4.99 -3.15
N PHE G 87 1.50 4.24 -2.06
CA PHE G 87 2.55 3.25 -1.91
C PHE G 87 2.35 2.09 -2.88
N SER G 88 3.41 1.67 -3.56
CA SER G 88 3.38 0.44 -4.34
C SER G 88 3.30 -0.76 -3.40
N LEU G 89 2.76 -1.88 -3.89
CA LEU G 89 2.62 -3.06 -3.07
C LEU G 89 4.01 -3.63 -2.75
N GLU G 90 4.95 -3.43 -3.66
CA GLU G 90 6.33 -3.82 -3.42
C GLU G 90 6.90 -3.06 -2.22
N LEU G 91 6.63 -1.76 -2.15
CA LEU G 91 7.07 -0.96 -1.02
C LEU G 91 6.39 -1.40 0.28
N VAL G 92 5.08 -1.62 0.19
CA VAL G 92 4.31 -2.06 1.35
C VAL G 92 4.90 -3.36 1.90
N SER G 93 5.26 -4.26 1.00
CA SER G 93 5.84 -5.55 1.40
C SER G 93 7.16 -5.33 2.10
N GLU G 94 8.00 -4.48 1.53
CA GLU G 94 9.34 -4.26 2.08
C GLU G 94 9.31 -3.52 3.41
N LYS G 95 8.36 -2.60 3.53
CA LYS G 95 8.23 -1.75 4.70
C LYS G 95 7.57 -2.47 5.87
N TYR G 96 6.42 -3.09 5.58
CA TYR G 96 5.51 -3.54 6.63
C TYR G 96 5.36 -5.07 6.72
N TRP G 97 5.75 -5.78 5.67
CA TRP G 97 5.50 -7.23 5.60
C TRP G 97 6.73 -8.04 5.25
N LYS G 98 7.60 -8.23 6.23
CA LYS G 98 8.83 -8.98 6.00
C LYS G 98 8.62 -10.45 6.34
N VAL G 99 7.60 -11.06 5.73
CA VAL G 99 7.19 -12.42 6.05
C VAL G 99 7.13 -13.28 4.77
N ASN G 100 7.56 -14.54 4.87
CA ASN G 100 7.62 -15.42 3.70
C ASN G 100 6.29 -16.04 3.31
N LYS G 101 5.22 -15.27 3.40
CA LYS G 101 3.93 -15.75 2.93
C LYS G 101 3.21 -14.63 2.19
N PRO G 102 2.16 -14.96 1.42
CA PRO G 102 1.41 -13.92 0.72
C PRO G 102 1.02 -12.79 1.68
N MET G 103 1.13 -11.55 1.22
CA MET G 103 0.75 -10.42 2.07
C MET G 103 -0.72 -10.52 2.45
N GLU G 104 -1.02 -10.14 3.68
CA GLU G 104 -2.39 -10.06 4.14
C GLU G 104 -2.72 -8.60 4.37
N LEU G 105 -3.68 -8.10 3.60
CA LEU G 105 -4.12 -6.73 3.76
C LEU G 105 -5.58 -6.74 4.16
N TYR G 106 -6.02 -5.66 4.78
CA TYR G 106 -7.38 -5.55 5.25
C TYR G 106 -8.00 -4.32 4.61
N TYR G 107 -9.32 -4.30 4.51
CA TYR G 107 -9.98 -3.15 3.93
C TYR G 107 -11.24 -2.83 4.71
N ALA G 108 -11.69 -1.59 4.59
CA ALA G 108 -12.99 -1.22 5.13
C ALA G 108 -13.55 -0.10 4.29
N PRO G 109 -14.88 -0.06 4.13
CA PRO G 109 -15.46 1.01 3.31
C PRO G 109 -15.29 2.33 4.04
N THR G 110 -15.02 3.40 3.32
CA THR G 110 -14.92 4.73 3.92
C THR G 110 -16.30 5.22 4.32
N LYS G 111 -17.32 4.62 3.72
CA LYS G 111 -18.70 4.97 4.04
C LYS G 111 -19.44 3.77 4.63
N THR H 2 12.16 -15.56 -3.53
CA THR H 2 11.15 -14.94 -4.39
C THR H 2 9.75 -14.89 -3.76
N ARG H 3 8.91 -14.01 -4.29
CA ARG H 3 7.59 -13.72 -3.71
C ARG H 3 6.68 -14.94 -3.60
N PRO H 4 6.13 -15.16 -2.40
CA PRO H 4 5.26 -16.30 -2.04
C PRO H 4 3.94 -16.28 -2.79
N ARG H 5 3.55 -17.43 -3.33
CA ARG H 5 2.27 -17.52 -4.04
C ARG H 5 1.18 -18.08 -3.14
N LEU H 6 -0.07 -17.75 -3.44
CA LEU H 6 -1.22 -18.34 -2.79
C LEU H 6 -1.27 -19.83 -3.11
N LYS H 7 -1.51 -20.67 -2.09
CA LYS H 7 -1.53 -22.11 -2.32
C LYS H 7 -2.92 -22.74 -2.17
N ASN H 8 -3.92 -21.92 -1.92
CA ASN H 8 -5.26 -22.43 -1.67
C ASN H 8 -6.24 -22.02 -2.75
N VAL H 9 -5.71 -21.52 -3.86
CA VAL H 9 -6.56 -20.86 -4.82
C VAL H 9 -6.75 -21.73 -6.07
N ASP H 10 -7.92 -21.59 -6.71
CA ASP H 10 -8.19 -22.28 -7.96
C ASP H 10 -7.72 -21.40 -9.11
N ARG H 11 -6.55 -21.71 -9.67
CA ARG H 11 -5.96 -20.88 -10.72
C ARG H 11 -6.86 -20.75 -11.94
N SER H 12 -7.69 -21.77 -12.18
CA SER H 12 -8.54 -21.79 -13.37
C SER H 12 -9.67 -20.77 -13.27
N THR H 13 -9.86 -20.18 -12.10
CA THR H 13 -10.95 -19.24 -11.89
C THR H 13 -10.49 -17.79 -12.08
N ALA H 14 -9.25 -17.62 -12.52
CA ALA H 14 -8.66 -16.29 -12.67
C ALA H 14 -9.53 -15.33 -13.48
N GLN H 15 -9.74 -14.15 -12.92
CA GLN H 15 -10.42 -13.07 -13.63
C GLN H 15 -9.53 -11.86 -13.56
N GLN H 16 -9.28 -11.24 -14.70
CA GLN H 16 -8.41 -10.07 -14.78
C GLN H 16 -9.21 -8.80 -14.91
N LEU H 17 -8.81 -7.78 -14.17
CA LEU H 17 -9.41 -6.46 -14.29
C LEU H 17 -8.30 -5.42 -14.48
N ALA H 18 -8.48 -4.57 -15.48
CA ALA H 18 -7.53 -3.50 -15.68
C ALA H 18 -7.97 -2.33 -14.81
N VAL H 19 -7.07 -1.89 -13.93
CA VAL H 19 -7.41 -0.84 -12.98
C VAL H 19 -6.50 0.35 -13.14
N THR H 20 -7.11 1.52 -13.36
CA THR H 20 -6.36 2.75 -13.59
C THR H 20 -6.58 3.77 -12.48
N VAL H 21 -5.47 4.24 -11.91
CA VAL H 21 -5.51 5.29 -10.91
C VAL H 21 -4.47 6.31 -11.33
N GLY H 22 -4.85 7.58 -11.35
CA GLY H 22 -3.99 8.62 -11.89
C GLY H 22 -3.65 8.26 -13.33
N ASN H 23 -2.37 8.06 -13.60
CA ASN H 23 -1.93 7.60 -14.91
C ASN H 23 -1.15 6.30 -14.81
N VAL H 24 -1.53 5.48 -13.84
CA VAL H 24 -1.01 4.13 -13.75
C VAL H 24 -2.16 3.14 -13.89
N THR H 25 -2.01 2.22 -14.84
CA THR H 25 -2.97 1.14 -15.04
C THR H 25 -2.26 -0.16 -14.79
N VAL H 26 -2.84 -0.98 -13.91
CA VAL H 26 -2.28 -2.30 -13.69
C VAL H 26 -3.37 -3.34 -13.91
N ILE H 27 -2.95 -4.58 -14.08
CA ILE H 27 -3.88 -5.68 -14.16
C ILE H 27 -3.96 -6.39 -12.81
N ILE H 28 -5.16 -6.48 -12.26
CA ILE H 28 -5.38 -7.21 -11.02
C ILE H 28 -6.18 -8.46 -11.30
N THR H 29 -5.56 -9.61 -11.01
CA THR H 29 -6.19 -10.90 -11.22
C THR H 29 -6.67 -11.42 -9.88
N ASP H 30 -7.90 -11.89 -9.83
CA ASP H 30 -8.39 -12.54 -8.61
C ASP H 30 -8.81 -13.97 -8.87
N PHE H 31 -8.86 -14.74 -7.78
CA PHE H 31 -9.23 -16.15 -7.88
C PHE H 31 -10.23 -16.53 -6.81
N LYS H 32 -10.95 -17.62 -7.06
CA LYS H 32 -11.79 -18.24 -6.04
C LYS H 32 -10.93 -19.22 -5.23
N GLU H 33 -11.26 -19.37 -3.96
CA GLU H 33 -10.58 -20.36 -3.14
C GLU H 33 -10.90 -21.75 -3.70
N LYS H 34 -9.90 -22.62 -3.72
CA LYS H 34 -10.12 -24.00 -4.19
C LYS H 34 -10.86 -24.79 -3.11
N THR H 35 -11.98 -25.40 -3.50
CA THR H 35 -12.77 -26.21 -2.59
C THR H 35 -12.50 -27.68 -2.81
N ARG H 36 -12.53 -28.46 -1.72
CA ARG H 36 -12.23 -29.87 -1.78
C ARG H 36 -13.23 -30.63 -2.66
N SER H 37 -12.74 -31.49 -3.53
CA SER H 37 -13.57 -32.27 -4.43
C SER H 37 -14.46 -33.25 -3.66
N SER I 2 -21.43 -2.45 40.08
CA SER I 2 -21.81 -2.59 38.69
C SER I 2 -21.26 -3.88 38.09
N GLU I 3 -22.10 -4.62 37.40
CA GLU I 3 -21.65 -5.84 36.72
C GLU I 3 -21.52 -5.62 35.22
N ILE I 4 -20.41 -6.09 34.66
CA ILE I 4 -20.15 -5.89 33.25
C ILE I 4 -19.97 -7.21 32.51
N GLU I 5 -20.56 -7.30 31.33
CA GLU I 5 -20.41 -8.48 30.50
C GLU I 5 -19.54 -8.12 29.30
N LEU I 6 -18.69 -9.06 28.88
CA LEU I 6 -17.83 -8.78 27.74
C LEU I 6 -17.47 -10.00 26.92
N VAL I 7 -17.18 -9.76 25.65
CA VAL I 7 -16.70 -10.79 24.74
C VAL I 7 -15.19 -10.62 24.61
N PHE I 8 -14.46 -11.68 24.91
CA PHE I 8 -13.01 -11.61 25.04
C PHE I 8 -12.40 -12.48 23.94
N ARG I 9 -11.93 -11.84 22.89
CA ARG I 9 -11.45 -12.55 21.71
C ARG I 9 -9.94 -12.55 21.62
N PRO I 10 -9.38 -13.59 20.99
CA PRO I 10 -7.95 -13.57 20.69
C PRO I 10 -7.70 -12.48 19.65
N HIS I 11 -6.63 -11.71 19.80
CA HIS I 11 -6.29 -10.70 18.81
C HIS I 11 -6.31 -11.32 17.42
N PRO I 12 -7.06 -10.69 16.49
CA PRO I 12 -7.34 -11.24 15.16
C PRO I 12 -6.10 -11.52 14.31
N THR I 13 -4.97 -10.89 14.61
CA THR I 13 -3.77 -11.10 13.80
C THR I 13 -2.56 -11.61 14.58
N LEU I 14 -2.49 -11.26 15.87
CA LEU I 14 -1.34 -11.63 16.69
C LEU I 14 -1.37 -13.11 17.07
N MET I 15 -2.55 -13.72 16.95
CA MET I 15 -2.69 -15.14 17.24
C MET I 15 -3.81 -15.78 16.43
N GLU I 16 -3.47 -16.82 15.67
CA GLU I 16 -4.44 -17.49 14.81
C GLU I 16 -5.06 -18.71 15.51
N ALA I 21 -6.27 -20.57 20.19
CA ALA I 21 -6.87 -19.83 21.29
C ALA I 21 -8.38 -19.68 21.11
N GLN I 22 -9.08 -19.38 22.19
CA GLN I 22 -10.53 -19.41 22.21
C GLN I 22 -11.15 -18.08 22.59
N THR I 23 -12.34 -17.81 22.07
CA THR I 23 -13.10 -16.64 22.48
C THR I 23 -13.83 -16.94 23.79
N ARG I 24 -13.70 -16.03 24.75
CA ARG I 24 -14.32 -16.21 26.06
C ARG I 24 -15.49 -15.25 26.24
N TYR I 25 -16.53 -15.72 26.94
CA TYR I 25 -17.70 -14.90 27.25
C TYR I 25 -17.77 -14.68 28.75
N ILE I 26 -17.66 -13.43 29.17
CA ILE I 26 -17.33 -13.14 30.56
C ILE I 26 -18.29 -12.17 31.27
N LYS I 27 -18.52 -12.45 32.54
CA LYS I 27 -19.27 -11.56 33.42
C LYS I 27 -18.44 -11.35 34.69
N THR I 28 -18.30 -10.10 35.11
CA THR I 28 -17.56 -9.77 36.32
C THR I 28 -18.00 -8.40 36.80
N SER I 29 -17.39 -7.91 37.87
CA SER I 29 -17.75 -6.61 38.43
C SER I 29 -16.97 -5.48 37.76
N GLY I 30 -17.51 -4.27 37.83
CA GLY I 30 -16.93 -3.13 37.15
C GLY I 30 -15.57 -2.71 37.68
N ASN I 31 -15.31 -3.03 38.95
CA ASN I 31 -14.05 -2.69 39.59
C ASN I 31 -12.93 -3.64 39.22
N ALA I 32 -13.25 -4.72 38.52
CA ALA I 32 -12.22 -5.59 37.97
C ALA I 32 -11.33 -4.74 37.06
N THR I 33 -10.03 -4.98 37.08
CA THR I 33 -9.12 -4.24 36.22
C THR I 33 -8.62 -5.09 35.07
N VAL I 34 -7.96 -4.44 34.12
CA VAL I 34 -7.34 -5.14 33.01
C VAL I 34 -6.33 -6.16 33.53
N ASP I 35 -5.67 -5.83 34.63
CA ASP I 35 -4.76 -6.76 35.30
C ASP I 35 -5.49 -8.03 35.76
N HIS I 36 -6.72 -7.87 36.24
CA HIS I 36 -7.51 -9.03 36.65
C HIS I 36 -7.82 -9.94 35.48
N LEU I 37 -8.13 -9.33 34.33
CA LEU I 37 -8.44 -10.11 33.14
C LEU I 37 -7.23 -10.89 32.65
N SER I 38 -6.05 -10.28 32.73
CA SER I 38 -4.83 -10.92 32.28
C SER I 38 -4.52 -12.11 33.15
N LYS I 39 -4.66 -11.92 34.46
CA LYS I 39 -4.42 -12.99 35.41
C LYS I 39 -5.43 -14.12 35.17
N TYR I 40 -6.69 -13.74 34.99
CA TYR I 40 -7.74 -14.68 34.62
C TYR I 40 -7.36 -15.53 33.40
N LEU I 41 -6.91 -14.89 32.32
CA LEU I 41 -6.50 -15.62 31.12
C LEU I 41 -5.35 -16.56 31.46
N ALA I 42 -4.38 -16.08 32.24
CA ALA I 42 -3.20 -16.86 32.54
C ALA I 42 -3.57 -18.16 33.24
N VAL I 43 -4.58 -18.08 34.11
CA VAL I 43 -5.06 -19.25 34.85
C VAL I 43 -5.99 -20.09 33.99
N ARG I 44 -6.97 -19.44 33.37
CA ARG I 44 -7.96 -20.17 32.57
C ARG I 44 -7.32 -20.85 31.36
N LEU I 45 -6.29 -20.23 30.81
CA LEU I 45 -5.62 -20.79 29.64
C LEU I 45 -4.59 -21.87 30.03
N ALA I 46 -3.94 -21.68 31.17
CA ALA I 46 -2.96 -22.66 31.65
C ALA I 46 -3.65 -23.94 32.12
N LEU I 47 -4.88 -23.80 32.62
CA LEU I 47 -5.67 -24.94 33.06
C LEU I 47 -6.12 -25.79 31.88
N GLU I 48 -6.44 -25.11 30.78
CA GLU I 48 -6.96 -25.81 29.60
C GLU I 48 -5.85 -26.51 28.83
N GLU I 49 -4.67 -25.91 28.79
CA GLU I 49 -3.52 -26.52 28.12
C GLU I 49 -2.99 -27.71 28.92
N LEU I 50 -2.98 -27.58 30.24
CA LEU I 50 -2.54 -28.66 31.11
C LEU I 50 -3.41 -29.90 30.93
N ARG I 51 -4.71 -29.68 30.72
CA ARG I 51 -5.62 -30.79 30.41
C ARG I 51 -6.12 -30.70 28.97
N ASP I 62 2.14 -22.77 38.06
CA ASP I 62 1.87 -22.35 39.43
C ASP I 62 2.44 -20.96 39.73
N THR I 63 2.39 -20.06 38.76
CA THR I 63 2.93 -18.72 38.92
C THR I 63 2.25 -17.69 38.01
N ALA I 64 1.30 -18.15 37.20
CA ALA I 64 0.60 -17.31 36.22
C ALA I 64 0.45 -15.84 36.64
N SER I 65 0.87 -14.93 35.76
CA SER I 65 0.95 -13.51 36.10
C SER I 65 -0.10 -12.66 35.41
N GLU I 66 -0.42 -11.53 36.04
CA GLU I 66 -1.37 -10.57 35.50
C GLU I 66 -0.72 -9.68 34.44
N LYS I 67 0.56 -9.90 34.18
CA LYS I 67 1.24 -9.21 33.09
C LYS I 67 1.76 -10.22 32.08
N GLN I 68 1.00 -11.30 31.91
CA GLN I 68 1.37 -12.35 30.96
C GLN I 68 0.61 -12.17 29.64
N TYR I 69 -0.44 -11.36 29.68
CA TYR I 69 -1.23 -11.09 28.49
C TYR I 69 -1.46 -9.60 28.29
N THR I 70 -1.37 -9.14 27.05
CA THR I 70 -1.71 -7.76 26.72
C THR I 70 -3.14 -7.72 26.22
N ILE I 71 -3.89 -6.74 26.69
CA ILE I 71 -5.31 -6.66 26.39
C ILE I 71 -5.62 -5.41 25.57
N TYR I 72 -6.46 -5.58 24.56
CA TYR I 72 -6.73 -4.52 23.60
C TYR I 72 -8.21 -4.21 23.53
N ILE I 73 -8.53 -2.97 23.17
CA ILE I 73 -9.87 -2.63 22.73
C ILE I 73 -9.72 -1.94 21.38
N ALA I 74 -10.69 -2.14 20.51
CA ALA I 74 -10.69 -1.47 19.21
C ALA I 74 -11.36 -0.09 19.32
N THR I 75 -10.83 0.90 18.63
CA THR I 75 -11.44 2.21 18.59
C THR I 75 -12.52 2.18 17.52
N ALA I 76 -13.42 3.17 17.56
CA ALA I 76 -14.47 3.27 16.54
C ALA I 76 -13.88 3.38 15.14
N SER I 77 -12.65 3.86 15.07
CA SER I 77 -11.97 4.02 13.78
C SER I 77 -11.24 2.75 13.34
N GLY I 78 -11.24 1.72 14.18
CA GLY I 78 -10.67 0.45 13.80
C GLY I 78 -9.20 0.29 14.14
N GLN I 79 -8.75 1.01 15.15
CA GLN I 79 -7.40 0.85 15.64
C GLN I 79 -7.43 0.07 16.94
N PHE I 80 -6.42 -0.76 17.18
CA PHE I 80 -6.33 -1.48 18.44
C PHE I 80 -5.45 -0.74 19.43
N THR I 81 -6.05 -0.39 20.56
CA THR I 81 -5.37 0.33 21.62
C THR I 81 -5.08 -0.64 22.76
N VAL I 82 -3.81 -0.71 23.18
CA VAL I 82 -3.45 -1.49 24.35
C VAL I 82 -3.94 -0.77 25.59
N LEU I 83 -4.50 -1.52 26.53
CA LEU I 83 -5.01 -0.93 27.76
C LEU I 83 -4.07 -1.15 28.93
N ASP I 84 -3.90 -0.11 29.75
CA ASP I 84 -3.09 -0.23 30.96
C ASP I 84 -3.73 -1.20 31.97
N GLY I 85 -2.91 -2.04 32.59
CA GLY I 85 -3.40 -3.01 33.56
C GLY I 85 -4.18 -2.40 34.70
N SER I 86 -3.87 -1.16 35.05
CA SER I 86 -4.52 -0.50 36.17
C SER I 86 -5.96 -0.09 35.88
N PHE I 87 -6.34 -0.11 34.60
CA PHE I 87 -7.66 0.38 34.20
C PHE I 87 -8.80 -0.51 34.67
N SER I 88 -9.78 0.10 35.33
CA SER I 88 -10.99 -0.64 35.72
C SER I 88 -11.83 -0.87 34.47
N LEU I 89 -12.65 -1.92 34.49
CA LEU I 89 -13.49 -2.24 33.36
C LEU I 89 -14.56 -1.18 33.18
N GLU I 90 -14.96 -0.59 34.31
CA GLU I 90 -15.88 0.53 34.29
C GLU I 90 -15.28 1.71 33.55
N LEU I 91 -14.02 2.03 33.87
CA LEU I 91 -13.34 3.13 33.20
C LEU I 91 -13.15 2.84 31.72
N VAL I 92 -12.77 1.60 31.40
CA VAL I 92 -12.60 1.23 30.00
C VAL I 92 -13.93 1.36 29.27
N SER I 93 -15.01 0.94 29.92
CA SER I 93 -16.32 1.02 29.29
C SER I 93 -16.72 2.45 29.00
N GLU I 94 -16.39 3.36 29.90
CA GLU I 94 -16.81 4.75 29.78
C GLU I 94 -15.91 5.56 28.86
N LYS I 95 -14.62 5.24 28.84
CA LYS I 95 -13.64 6.05 28.13
C LYS I 95 -13.29 5.50 26.76
N TYR I 96 -13.44 4.20 26.54
CA TYR I 96 -13.06 3.59 25.28
C TYR I 96 -14.21 2.91 24.53
N TRP I 97 -15.04 2.15 25.23
CA TRP I 97 -16.13 1.43 24.57
C TRP I 97 -17.24 2.40 24.14
N LYS I 98 -17.81 3.09 25.12
CA LYS I 98 -18.77 4.17 24.86
C LYS I 98 -20.02 3.69 24.13
N VAL I 99 -20.47 2.48 24.39
CA VAL I 99 -21.65 1.95 23.72
C VAL I 99 -22.41 1.00 24.64
N ASN I 100 -23.73 1.00 24.55
CA ASN I 100 -24.56 0.16 25.41
C ASN I 100 -24.68 -1.25 24.85
N LYS I 101 -23.54 -1.92 24.71
CA LYS I 101 -23.50 -3.33 24.34
C LYS I 101 -22.37 -4.01 25.10
N PRO I 102 -22.45 -5.34 25.25
CA PRO I 102 -21.35 -6.06 25.90
C PRO I 102 -20.02 -5.58 25.33
N MET I 103 -19.09 -5.24 26.19
CA MET I 103 -17.82 -4.70 25.74
C MET I 103 -17.04 -5.78 25.00
N GLU I 104 -16.26 -5.37 24.02
CA GLU I 104 -15.47 -6.31 23.23
C GLU I 104 -13.99 -6.04 23.40
N LEU I 105 -13.30 -6.99 24.00
CA LEU I 105 -11.89 -6.86 24.26
C LEU I 105 -11.13 -7.95 23.55
N TYR I 106 -9.83 -7.74 23.34
CA TYR I 106 -8.99 -8.73 22.69
C TYR I 106 -7.76 -8.97 23.53
N TYR I 107 -7.17 -10.15 23.38
CA TYR I 107 -5.94 -10.45 24.11
C TYR I 107 -4.90 -11.10 23.21
N ALA I 108 -3.64 -11.01 23.64
CA ALA I 108 -2.55 -11.73 23.01
C ALA I 108 -1.44 -11.89 24.05
N PRO I 109 -0.71 -13.01 23.98
CA PRO I 109 0.40 -13.26 24.90
C PRO I 109 1.42 -12.13 24.87
N THR I 110 1.81 -11.64 26.03
CA THR I 110 2.80 -10.58 26.13
C THR I 110 4.21 -11.13 25.89
N ARG J 5 -25.97 -7.03 27.90
CA ARG J 5 -25.95 -8.42 28.32
C ARG J 5 -25.58 -9.37 27.18
N LEU J 6 -24.68 -10.31 27.46
CA LEU J 6 -24.26 -11.28 26.47
C LEU J 6 -25.45 -12.08 25.93
N LYS J 7 -25.37 -12.43 24.66
CA LYS J 7 -26.41 -13.25 24.04
C LYS J 7 -25.82 -14.50 23.40
N ASN J 8 -26.65 -15.52 23.25
CA ASN J 8 -26.19 -16.81 22.72
C ASN J 8 -25.06 -17.41 23.55
N VAL J 9 -25.13 -17.21 24.86
CA VAL J 9 -24.25 -17.94 25.77
C VAL J 9 -25.07 -18.94 26.56
N ASP J 10 -24.42 -20.04 26.94
CA ASP J 10 -25.05 -21.06 27.74
C ASP J 10 -24.84 -20.72 29.22
N ARG J 11 -25.81 -20.04 29.80
CA ARG J 11 -25.71 -19.53 31.17
C ARG J 11 -25.53 -20.65 32.20
N SER J 12 -26.04 -21.84 31.88
CA SER J 12 -25.95 -22.98 32.79
C SER J 12 -24.53 -23.53 32.89
N THR J 13 -23.68 -23.16 31.95
CA THR J 13 -22.30 -23.65 31.88
C THR J 13 -21.31 -22.72 32.57
N ALA J 14 -21.81 -21.91 33.49
CA ALA J 14 -20.97 -20.93 34.18
C ALA J 14 -19.83 -21.58 34.96
N GLN J 15 -18.64 -21.02 34.79
CA GLN J 15 -17.48 -21.38 35.59
C GLN J 15 -16.98 -20.12 36.25
N GLN J 16 -16.62 -20.20 37.52
CA GLN J 16 -16.18 -19.02 38.23
C GLN J 16 -14.71 -19.12 38.63
N LEU J 17 -14.04 -17.97 38.57
CA LEU J 17 -12.66 -17.86 39.05
C LEU J 17 -12.53 -16.60 39.88
N ALA J 18 -12.03 -16.75 41.11
CA ALA J 18 -11.83 -15.60 41.96
C ALA J 18 -10.40 -15.15 41.76
N VAL J 19 -10.23 -13.90 41.34
CA VAL J 19 -8.92 -13.37 41.01
C VAL J 19 -8.62 -12.14 41.85
N THR J 20 -7.40 -12.08 42.40
CA THR J 20 -6.97 -10.95 43.20
C THR J 20 -5.74 -10.30 42.63
N VAL J 21 -5.80 -8.97 42.50
CA VAL J 21 -4.65 -8.16 42.12
C VAL J 21 -4.61 -6.98 43.07
N GLY J 22 -3.46 -6.76 43.70
CA GLY J 22 -3.37 -5.80 44.77
C GLY J 22 -4.27 -6.24 45.91
N ASN J 23 -5.06 -5.33 46.45
CA ASN J 23 -6.03 -5.69 47.48
C ASN J 23 -7.45 -5.71 46.94
N VAL J 24 -7.59 -5.95 45.63
CA VAL J 24 -8.90 -6.08 45.02
C VAL J 24 -9.16 -7.49 44.52
N THR J 25 -10.22 -8.11 45.05
CA THR J 25 -10.60 -9.46 44.63
C THR J 25 -11.92 -9.41 43.88
N VAL J 26 -11.96 -9.99 42.68
CA VAL J 26 -13.21 -10.05 41.95
C VAL J 26 -13.50 -11.47 41.50
N ILE J 27 -14.76 -11.70 41.13
CA ILE J 27 -15.20 -12.98 40.62
C ILE J 27 -15.39 -12.82 39.12
N ILE J 28 -14.70 -13.65 38.35
CA ILE J 28 -14.88 -13.66 36.92
C ILE J 28 -15.59 -14.92 36.47
N THR J 29 -16.82 -14.75 35.99
CA THR J 29 -17.60 -15.87 35.50
C THR J 29 -17.47 -15.95 33.98
N ASP J 30 -17.32 -17.16 33.46
CA ASP J 30 -17.36 -17.31 32.01
C ASP J 30 -18.32 -18.40 31.57
N PHE J 31 -18.81 -18.24 30.34
CA PHE J 31 -19.84 -19.11 29.80
C PHE J 31 -19.40 -19.66 28.46
N LYS J 32 -19.98 -20.78 28.07
CA LYS J 32 -19.76 -21.33 26.74
C LYS J 32 -20.82 -20.79 25.79
N GLU J 33 -20.61 -20.97 24.48
CA GLU J 33 -21.62 -20.61 23.48
C GLU J 33 -22.78 -21.59 23.52
N LYS J 34 -23.98 -21.10 23.28
CA LYS J 34 -25.15 -21.99 23.22
C LYS J 34 -24.97 -23.02 22.12
N ALA K 1 -14.91 -9.92 46.07
CA ALA K 1 -14.66 -10.61 47.33
C ALA K 1 -13.55 -9.95 48.14
N SER K 2 -13.04 -10.68 49.12
CA SER K 2 -11.92 -10.19 49.92
C SER K 2 -10.85 -11.29 50.00
N GLU K 3 -9.70 -10.95 50.57
CA GLU K 3 -8.61 -11.90 50.75
C GLU K 3 -8.43 -12.19 52.23
N ILE K 4 -8.32 -13.47 52.58
CA ILE K 4 -8.20 -13.88 53.97
C ILE K 4 -6.94 -14.71 54.15
N GLU K 5 -6.23 -14.48 55.26
CA GLU K 5 -5.04 -15.26 55.56
C GLU K 5 -5.29 -16.17 56.76
N LEU K 6 -4.68 -17.35 56.73
CA LEU K 6 -4.83 -18.28 57.84
C LEU K 6 -3.67 -19.22 57.97
N VAL K 7 -3.52 -19.78 59.16
CA VAL K 7 -2.55 -20.82 59.36
C VAL K 7 -3.30 -22.14 59.49
N PHE K 8 -2.78 -23.15 58.79
CA PHE K 8 -3.31 -24.50 58.81
C PHE K 8 -2.45 -25.35 59.71
N ARG K 9 -3.02 -25.84 60.80
CA ARG K 9 -2.28 -26.68 61.73
C ARG K 9 -2.74 -28.13 61.67
N PRO K 10 -1.78 -29.06 61.71
CA PRO K 10 -2.17 -30.46 61.84
C PRO K 10 -2.89 -30.68 63.17
N HIS K 11 -3.95 -31.50 63.16
CA HIS K 11 -4.69 -31.81 64.38
C HIS K 11 -3.72 -32.35 65.43
N PRO K 12 -3.71 -31.76 66.63
CA PRO K 12 -2.65 -32.08 67.61
C PRO K 12 -2.68 -33.53 68.09
N THR K 13 -3.83 -34.18 68.06
CA THR K 13 -3.91 -35.59 68.49
C THR K 13 -4.00 -36.57 67.31
N LEU K 14 -4.85 -36.30 66.33
CA LEU K 14 -4.99 -37.22 65.20
C LEU K 14 -3.73 -37.30 64.35
N MET K 15 -2.95 -36.24 64.30
CA MET K 15 -1.74 -36.25 63.49
C MET K 15 -0.47 -36.24 64.32
N GLU K 16 -0.60 -36.58 65.61
CA GLU K 16 0.56 -36.55 66.50
C GLU K 16 1.72 -37.39 65.94
N LYS K 17 1.38 -38.53 65.34
CA LYS K 17 2.39 -39.45 64.84
C LYS K 17 2.36 -39.60 63.31
N ASP K 18 1.91 -38.54 62.64
CA ASP K 18 1.77 -38.55 61.19
C ASP K 18 2.93 -37.79 60.55
N ASP K 19 3.52 -38.39 59.51
CA ASP K 19 4.70 -37.83 58.85
C ASP K 19 4.35 -36.66 57.93
N SER K 20 3.11 -36.62 57.45
CA SER K 20 2.68 -35.55 56.57
C SER K 20 2.24 -34.31 57.35
N ALA K 21 2.40 -34.34 58.67
CA ALA K 21 1.98 -33.22 59.49
C ALA K 21 2.84 -31.99 59.20
N GLN K 22 2.20 -30.94 58.70
CA GLN K 22 2.92 -29.72 58.34
C GLN K 22 2.05 -28.50 58.63
N THR K 23 2.61 -27.51 59.31
CA THR K 23 1.91 -26.23 59.45
C THR K 23 2.06 -25.44 58.14
N ARG K 24 0.95 -25.02 57.56
CA ARG K 24 1.02 -24.24 56.33
C ARG K 24 0.42 -22.85 56.51
N TYR K 25 0.92 -21.90 55.72
CA TYR K 25 0.51 -20.52 55.83
C TYR K 25 -0.03 -20.10 54.47
N ILE K 26 -1.30 -19.69 54.45
CA ILE K 26 -1.93 -19.40 53.17
C ILE K 26 -2.74 -18.13 53.17
N LYS K 27 -3.05 -17.67 51.96
CA LYS K 27 -4.02 -16.62 51.77
C LYS K 27 -4.81 -16.95 50.50
N THR K 28 -6.11 -16.67 50.53
CA THR K 28 -6.94 -16.89 49.36
C THR K 28 -8.17 -16.00 49.49
N SER K 29 -9.03 -16.02 48.48
CA SER K 29 -10.25 -15.24 48.54
C SER K 29 -11.24 -15.80 49.56
N GLY K 30 -12.09 -14.94 50.10
CA GLY K 30 -13.07 -15.34 51.09
C GLY K 30 -14.15 -16.23 50.52
N ASN K 31 -14.23 -16.31 49.20
CA ASN K 31 -15.20 -17.19 48.57
C ASN K 31 -14.69 -18.62 48.45
N ALA K 32 -13.41 -18.83 48.75
CA ALA K 32 -12.89 -20.18 48.81
C ALA K 32 -13.72 -20.92 49.83
N THR K 33 -14.01 -22.19 49.59
CA THR K 33 -14.73 -22.97 50.58
C THR K 33 -13.81 -23.93 51.29
N VAL K 34 -14.31 -24.51 52.36
CA VAL K 34 -13.55 -25.53 53.08
C VAL K 34 -13.13 -26.68 52.16
N ASP K 35 -14.00 -27.08 51.22
CA ASP K 35 -13.65 -28.09 50.21
C ASP K 35 -12.40 -27.72 49.44
N HIS K 36 -12.27 -26.44 49.10
CA HIS K 36 -11.10 -25.97 48.35
C HIS K 36 -9.85 -26.14 49.19
N LEU K 37 -9.98 -25.89 50.48
CA LEU K 37 -8.84 -25.98 51.41
C LEU K 37 -8.40 -27.43 51.58
N SER K 38 -9.38 -28.32 51.71
CA SER K 38 -9.11 -29.75 51.74
C SER K 38 -8.37 -30.19 50.48
N LYS K 39 -8.84 -29.76 49.32
CA LYS K 39 -8.16 -30.14 48.07
C LYS K 39 -6.75 -29.53 47.99
N TYR K 40 -6.59 -28.30 48.44
CA TYR K 40 -5.27 -27.68 48.49
C TYR K 40 -4.32 -28.51 49.37
N LEU K 41 -4.79 -28.95 50.53
CA LEU K 41 -3.96 -29.73 51.43
C LEU K 41 -3.50 -31.01 50.74
N ALA K 42 -4.41 -31.63 49.99
CA ALA K 42 -4.10 -32.87 49.29
C ALA K 42 -3.14 -32.61 48.13
N VAL K 43 -3.41 -31.56 47.36
CA VAL K 43 -2.60 -31.26 46.18
C VAL K 43 -1.17 -30.92 46.59
N ARG K 44 -1.04 -30.11 47.65
CA ARG K 44 0.28 -29.67 48.10
C ARG K 44 1.11 -30.86 48.59
N LEU K 45 0.50 -31.75 49.35
CA LEU K 45 1.18 -32.95 49.81
C LEU K 45 1.61 -33.82 48.63
N ALA K 46 0.73 -33.98 47.65
CA ALA K 46 1.02 -34.82 46.50
C ALA K 46 2.20 -34.26 45.71
N LEU K 47 2.30 -32.93 45.66
CA LEU K 47 3.42 -32.29 45.00
C LEU K 47 4.70 -32.56 45.77
N GLU K 48 4.60 -32.50 47.10
CA GLU K 48 5.75 -32.71 47.97
C GLU K 48 6.21 -34.16 47.93
N GLU K 49 5.31 -35.06 47.53
CA GLU K 49 5.64 -36.47 47.42
C GLU K 49 6.34 -36.77 46.10
N LEU K 50 6.41 -35.77 45.22
CA LEU K 50 7.11 -35.92 43.95
C LEU K 50 8.57 -35.53 44.09
N ARG K 51 9.15 -35.82 45.26
CA ARG K 51 10.57 -35.57 45.49
C ARG K 51 11.11 -36.58 46.49
N SER K 52 10.61 -37.80 46.42
CA SER K 52 11.01 -38.86 47.34
C SER K 52 10.85 -40.24 46.71
N ALA K 64 -6.23 -33.70 43.11
CA ALA K 64 -6.45 -34.45 44.34
C ALA K 64 -7.93 -34.44 44.73
N SER K 65 -8.20 -34.42 46.03
CA SER K 65 -9.58 -34.52 46.49
C SER K 65 -9.94 -33.63 47.69
N GLU K 66 -11.09 -32.96 47.57
CA GLU K 66 -11.64 -32.13 48.63
C GLU K 66 -12.16 -32.98 49.78
N LYS K 67 -12.21 -34.30 49.60
CA LYS K 67 -12.72 -35.21 50.62
C LYS K 67 -11.61 -35.83 51.46
N GLN K 68 -10.37 -35.44 51.19
CA GLN K 68 -9.24 -36.15 51.80
C GLN K 68 -8.97 -35.65 53.22
N TYR K 69 -9.46 -34.46 53.55
CA TYR K 69 -9.21 -33.91 54.89
C TYR K 69 -10.47 -33.40 55.58
N THR K 70 -10.51 -33.58 56.89
CA THR K 70 -11.49 -32.95 57.74
C THR K 70 -10.85 -31.71 58.33
N ILE K 71 -11.60 -30.63 58.37
CA ILE K 71 -11.06 -29.34 58.80
C ILE K 71 -11.86 -28.81 60.00
N TYR K 72 -11.15 -28.30 61.00
CA TYR K 72 -11.74 -27.91 62.27
C TYR K 72 -11.35 -26.50 62.68
N ILE K 73 -12.17 -25.91 63.55
CA ILE K 73 -11.79 -24.75 64.32
C ILE K 73 -11.83 -25.11 65.80
N ALA K 74 -10.78 -24.74 66.53
CA ALA K 74 -10.76 -24.95 67.97
C ALA K 74 -11.57 -23.86 68.65
N THR K 75 -12.62 -24.24 69.35
CA THR K 75 -13.49 -23.27 70.01
C THR K 75 -12.96 -22.80 71.36
N ALA K 76 -13.53 -21.71 71.85
CA ALA K 76 -13.15 -21.16 73.14
C ALA K 76 -13.33 -22.18 74.26
N SER K 77 -14.22 -23.15 74.02
CA SER K 77 -14.53 -24.18 75.01
C SER K 77 -13.62 -25.40 74.92
N GLY K 78 -12.68 -25.38 73.98
CA GLY K 78 -11.77 -26.51 73.84
C GLY K 78 -12.36 -27.63 73.01
N GLN K 79 -13.36 -27.31 72.20
CA GLN K 79 -13.90 -28.30 71.29
C GLN K 79 -13.28 -28.07 69.92
N PHE K 80 -13.20 -29.12 69.13
CA PHE K 80 -12.78 -28.99 67.76
C PHE K 80 -14.02 -29.17 66.90
N THR K 81 -14.54 -28.07 66.36
CA THR K 81 -15.77 -28.15 65.58
C THR K 81 -15.46 -28.43 64.13
N VAL K 82 -16.20 -29.37 63.55
CA VAL K 82 -15.97 -29.79 62.18
C VAL K 82 -16.65 -28.79 61.27
N LEU K 83 -15.90 -28.27 60.33
CA LEU K 83 -16.42 -27.29 59.38
C LEU K 83 -16.94 -28.00 58.15
N ASP K 84 -18.13 -27.63 57.70
CA ASP K 84 -18.62 -28.25 56.49
C ASP K 84 -17.84 -27.79 55.24
N GLY K 85 -17.61 -28.72 54.32
CA GLY K 85 -16.85 -28.43 53.12
C GLY K 85 -17.48 -27.31 52.30
N SER K 86 -18.78 -27.14 52.45
CA SER K 86 -19.45 -26.06 51.71
C SER K 86 -19.28 -24.65 52.28
N PHE K 87 -18.75 -24.51 53.50
CA PHE K 87 -18.62 -23.18 54.09
C PHE K 87 -17.60 -22.32 53.36
N SER K 88 -17.98 -21.11 53.01
CA SER K 88 -16.99 -20.16 52.51
C SER K 88 -16.08 -19.74 53.67
N LEU K 89 -14.85 -19.36 53.37
CA LEU K 89 -13.95 -18.84 54.40
C LEU K 89 -14.52 -17.56 55.02
N GLU K 90 -15.24 -16.79 54.23
CA GLU K 90 -15.91 -15.58 54.73
C GLU K 90 -16.88 -15.94 55.85
N LEU K 91 -17.73 -16.94 55.62
CA LEU K 91 -18.65 -17.42 56.64
C LEU K 91 -17.90 -17.97 57.86
N VAL K 92 -16.85 -18.75 57.63
CA VAL K 92 -16.11 -19.32 58.75
C VAL K 92 -15.57 -18.17 59.60
N SER K 93 -15.01 -17.18 58.93
CA SER K 93 -14.48 -16.01 59.62
C SER K 93 -15.53 -15.28 60.45
N GLU K 94 -16.70 -15.03 59.85
CA GLU K 94 -17.79 -14.34 60.54
C GLU K 94 -18.40 -15.15 61.68
N LYS K 95 -18.59 -16.45 61.45
CA LYS K 95 -19.39 -17.27 62.36
C LYS K 95 -18.59 -18.02 63.41
N TYR K 96 -17.40 -18.49 63.03
CA TYR K 96 -16.69 -19.41 63.91
C TYR K 96 -15.43 -18.81 64.54
N TRP K 97 -14.91 -17.74 63.93
CA TRP K 97 -13.68 -17.13 64.39
C TRP K 97 -13.95 -15.73 64.92
N LYS K 98 -13.68 -15.53 66.20
CA LYS K 98 -14.12 -14.31 66.88
C LYS K 98 -12.99 -13.37 67.28
N VAL K 99 -11.81 -13.92 67.54
CA VAL K 99 -10.65 -13.11 67.89
C VAL K 99 -10.11 -12.38 66.65
N ASN K 100 -9.11 -11.54 66.84
CA ASN K 100 -8.62 -10.67 65.77
C ASN K 100 -7.36 -11.15 65.06
N LYS K 101 -6.73 -12.21 65.56
CA LYS K 101 -5.53 -12.74 64.91
C LYS K 101 -5.92 -13.39 63.59
N PRO K 102 -4.91 -13.71 62.75
CA PRO K 102 -5.24 -14.50 61.57
C PRO K 102 -5.95 -15.79 62.00
N MET K 103 -6.87 -16.24 61.17
CA MET K 103 -7.62 -17.44 61.47
C MET K 103 -6.70 -18.65 61.58
N GLU K 104 -7.02 -19.54 62.50
CA GLU K 104 -6.28 -20.79 62.62
C GLU K 104 -7.24 -21.94 62.36
N LEU K 105 -6.87 -22.83 61.44
CA LEU K 105 -7.69 -24.00 61.12
C LEU K 105 -6.86 -25.25 61.36
N TYR K 106 -7.49 -26.28 61.90
CA TYR K 106 -6.83 -27.56 62.03
C TYR K 106 -7.30 -28.56 61.00
N TYR K 107 -6.44 -29.51 60.67
CA TYR K 107 -6.82 -30.53 59.71
C TYR K 107 -6.34 -31.91 60.14
N ALA K 108 -7.02 -32.92 59.61
CA ALA K 108 -6.66 -34.33 59.79
C ALA K 108 -7.18 -35.13 58.60
N PRO K 109 -6.41 -36.13 58.17
CA PRO K 109 -6.88 -37.00 57.09
C PRO K 109 -8.20 -37.67 57.45
N THR K 110 -9.14 -37.72 56.51
CA THR K 110 -10.43 -38.35 56.73
C THR K 110 -10.27 -39.85 56.65
N LYS K 111 -11.04 -40.58 57.45
CA LYS K 111 -11.07 -42.05 57.48
C LYS K 111 -9.74 -42.76 57.19
N ARG L 3 -9.10 -7.73 58.26
CA ARG L 3 -8.18 -8.24 57.25
C ARG L 3 -6.81 -8.57 57.86
N PRO L 4 -6.81 -9.26 59.01
CA PRO L 4 -5.58 -9.55 59.75
C PRO L 4 -4.63 -10.44 58.96
N ARG L 5 -3.36 -10.05 58.88
CA ARG L 5 -2.41 -10.79 58.06
C ARG L 5 -1.36 -11.52 58.92
N LEU L 6 -0.70 -12.50 58.28
CA LEU L 6 0.33 -13.28 58.94
C LEU L 6 1.61 -12.46 59.05
N LYS L 7 2.23 -12.48 60.23
CA LYS L 7 3.42 -11.69 60.49
C LYS L 7 4.67 -12.55 60.60
N ASN L 8 4.51 -13.84 60.30
CA ASN L 8 5.58 -14.81 60.46
C ASN L 8 6.01 -15.36 59.11
N VAL L 9 5.52 -14.74 58.04
CA VAL L 9 5.66 -15.28 56.70
C VAL L 9 6.75 -14.59 55.88
N ASP L 10 7.47 -15.39 55.11
CA ASP L 10 8.44 -14.87 54.15
C ASP L 10 7.69 -14.56 52.85
N ARG L 11 7.03 -13.41 52.81
CA ARG L 11 6.21 -13.02 51.68
C ARG L 11 6.90 -13.28 50.35
N SER L 12 8.22 -13.19 50.36
CA SER L 12 9.03 -13.36 49.16
C SER L 12 8.85 -14.72 48.50
N THR L 13 8.44 -15.71 49.28
CA THR L 13 8.37 -17.09 48.79
C THR L 13 6.99 -17.49 48.27
N ALA L 14 6.09 -16.51 48.16
CA ALA L 14 4.71 -16.78 47.77
C ALA L 14 4.58 -17.69 46.56
N GLN L 15 4.07 -18.91 46.78
CA GLN L 15 3.71 -19.80 45.68
C GLN L 15 2.19 -19.88 45.52
N GLN L 16 1.72 -19.88 44.28
CA GLN L 16 0.29 -19.89 44.01
C GLN L 16 -0.21 -21.20 43.42
N LEU L 17 -1.38 -21.63 43.86
CA LEU L 17 -2.00 -22.84 43.34
C LEU L 17 -3.45 -22.55 42.98
N ALA L 18 -3.85 -22.98 41.80
CA ALA L 18 -5.25 -22.89 41.40
C ALA L 18 -5.93 -24.16 41.85
N VAL L 19 -7.02 -24.00 42.60
CA VAL L 19 -7.78 -25.16 43.07
C VAL L 19 -9.23 -25.04 42.63
N THR L 20 -9.71 -26.07 41.95
CA THR L 20 -11.08 -26.10 41.47
C THR L 20 -11.91 -27.13 42.21
N VAL L 21 -13.07 -26.71 42.68
CA VAL L 21 -14.09 -27.64 43.15
C VAL L 21 -15.39 -27.37 42.39
N GLY L 22 -15.86 -28.37 41.64
CA GLY L 22 -17.03 -28.17 40.81
C GLY L 22 -16.71 -27.12 39.77
N ASN L 23 -17.53 -26.07 39.73
CA ASN L 23 -17.33 -25.03 38.74
C ASN L 23 -16.71 -23.77 39.35
N VAL L 24 -16.16 -23.89 40.55
CA VAL L 24 -15.59 -22.73 41.21
C VAL L 24 -14.09 -22.92 41.42
N THR L 25 -13.31 -22.00 40.86
CA THR L 25 -11.86 -22.05 41.01
C THR L 25 -11.37 -20.89 41.87
N VAL L 26 -10.46 -21.18 42.79
CA VAL L 26 -9.82 -20.15 43.58
C VAL L 26 -8.31 -20.27 43.41
N ILE L 27 -7.59 -19.25 43.86
CA ILE L 27 -6.14 -19.26 43.88
C ILE L 27 -5.65 -19.22 45.32
N ILE L 28 -4.88 -20.22 45.71
CA ILE L 28 -4.36 -20.30 47.07
C ILE L 28 -2.89 -19.92 47.05
N THR L 29 -2.53 -18.90 47.83
CA THR L 29 -1.14 -18.51 47.92
C THR L 29 -0.49 -19.14 49.15
N ASP L 30 0.64 -19.80 48.93
CA ASP L 30 1.38 -20.51 49.95
C ASP L 30 2.63 -19.73 50.35
N PHE L 31 3.09 -19.90 51.59
CA PHE L 31 4.27 -19.20 52.06
C PHE L 31 5.17 -20.09 52.89
N LYS L 32 6.48 -19.87 52.78
CA LYS L 32 7.44 -20.44 53.71
C LYS L 32 7.47 -19.54 54.92
N GLU L 33 7.91 -20.05 56.06
CA GLU L 33 7.99 -19.25 57.27
C GLU L 33 9.16 -18.28 57.19
N LYS L 34 9.27 -17.39 58.18
CA LYS L 34 10.32 -16.39 58.20
C LYS L 34 11.23 -16.57 59.41
#